data_1A8O
# 
_entry.id   1A8O 
# 
_audit_conform.dict_name       mmcif_pdbx.dic 
_audit_conform.dict_version    5.398 
_audit_conform.dict_location   http://mmcif.pdb.org/dictionaries/ascii/mmcif_pdbx.dic 
# 
loop_
_database_2.database_id 
_database_2.database_code 
_database_2.pdbx_database_accession 
_database_2.pdbx_DOI 
PDB   1A8O         pdb_00001a8o 10.2210/pdb1a8o/pdb 
WWPDB D_1000170531 ?            ?                   
# 
loop_
_pdbx_audit_revision_history.ordinal 
_pdbx_audit_revision_history.data_content_type 
_pdbx_audit_revision_history.major_revision 
_pdbx_audit_revision_history.minor_revision 
_pdbx_audit_revision_history.revision_date 
1 'Structure model' 1 0 1998-10-14 
2 'Structure model' 1 1 2008-03-24 
3 'Structure model' 1 2 2011-07-13 
4 'Structure model' 1 3 2024-10-30 
# 
_pdbx_audit_revision_details.ordinal             1 
_pdbx_audit_revision_details.revision_ordinal    1 
_pdbx_audit_revision_details.data_content_type   'Structure model' 
_pdbx_audit_revision_details.provider            repository 
_pdbx_audit_revision_details.type                'Initial release' 
_pdbx_audit_revision_details.description         ? 
_pdbx_audit_revision_details.details             ? 
# 
loop_
_pdbx_audit_revision_group.ordinal 
_pdbx_audit_revision_group.revision_ordinal 
_pdbx_audit_revision_group.data_content_type 
_pdbx_audit_revision_group.group 
1 2 'Structure model' 'Version format compliance' 
2 3 'Structure model' 'Version format compliance' 
3 4 'Structure model' 'Data collection'           
4 4 'Structure model' 'Database references'       
5 4 'Structure model' 'Derived calculations'      
6 4 'Structure model' 'Structure summary'         
# 
loop_
_pdbx_audit_revision_category.ordinal 
_pdbx_audit_revision_category.revision_ordinal 
_pdbx_audit_revision_category.data_content_type 
_pdbx_audit_revision_category.category 
1 4 'Structure model' chem_comp_atom            
2 4 'Structure model' chem_comp_bond            
3 4 'Structure model' database_2                
4 4 'Structure model' pdbx_entry_details        
5 4 'Structure model' pdbx_modification_feature 
6 4 'Structure model' struct_conn               
# 
loop_
_pdbx_audit_revision_item.ordinal 
_pdbx_audit_revision_item.revision_ordinal 
_pdbx_audit_revision_item.data_content_type 
_pdbx_audit_revision_item.item 
1  4 'Structure model' '_database_2.pdbx_DOI'                
2  4 'Structure model' '_database_2.pdbx_database_accession' 
3  4 'Structure model' '_struct_conn.pdbx_leaving_atom_flag' 
4  4 'Structure model' '_struct_conn.ptnr1_auth_comp_id'     
5  4 'Structure model' '_struct_conn.ptnr1_auth_seq_id'      
6  4 'Structure model' '_struct_conn.ptnr1_label_atom_id'    
7  4 'Structure model' '_struct_conn.ptnr1_label_comp_id'    
8  4 'Structure model' '_struct_conn.ptnr1_label_seq_id'     
9  4 'Structure model' '_struct_conn.ptnr2_auth_comp_id'     
10 4 'Structure model' '_struct_conn.ptnr2_auth_seq_id'      
11 4 'Structure model' '_struct_conn.ptnr2_label_atom_id'    
12 4 'Structure model' '_struct_conn.ptnr2_label_comp_id'    
13 4 'Structure model' '_struct_conn.ptnr2_label_seq_id'     
# 
_pdbx_database_PDB_obs_spr.id               SPRSDE 
_pdbx_database_PDB_obs_spr.date             1998-10-14 
_pdbx_database_PDB_obs_spr.pdb_id           1A8O 
_pdbx_database_PDB_obs_spr.replace_pdb_id   1AM3 
_pdbx_database_PDB_obs_spr.details          ? 
# 
_pdbx_database_status.status_code                     REL 
_pdbx_database_status.entry_id                        1A8O 
_pdbx_database_status.recvd_initial_deposition_date   1998-03-27 
_pdbx_database_status.deposit_site                    ? 
_pdbx_database_status.process_site                    BNL 
_pdbx_database_status.status_code_sf                  REL 
_pdbx_database_status.status_code_mr                  ? 
_pdbx_database_status.SG_entry                        ? 
_pdbx_database_status.pdb_format_compatible           Y 
_pdbx_database_status.status_code_cs                  ? 
_pdbx_database_status.status_code_nmr_data            ? 
_pdbx_database_status.methods_development_category    ? 
# 
loop_
_audit_author.name 
_audit_author.pdbx_ordinal 
'Gamble, T.R.'        1 
'Yoo, S.'             2 
'Vajdos, F.F.'        3 
'Von Schwedler, U.K.' 4 
'Worthylake, D.K.'    5 
'Wang, H.'            6 
'Mccutcheon, J.P.'    7 
'Sundquist, W.I.'     8 
'Hill, C.P.'          9 
# 
_citation.id                        primary 
_citation.title                     'Structure of the carboxyl-terminal dimerization domain of the HIV-1 capsid protein.' 
_citation.journal_abbrev            Science 
_citation.journal_volume            278 
_citation.page_first                849 
_citation.page_last                 853 
_citation.year                      1997 
_citation.journal_id_ASTM           SCIEAS 
_citation.country                   US 
_citation.journal_id_ISSN           0036-8075 
_citation.journal_id_CSD            0038 
_citation.book_publisher            ? 
_citation.pdbx_database_id_PubMed   9346481 
_citation.pdbx_database_id_DOI      10.1126/science.278.5339.849 
# 
loop_
_citation_author.citation_id 
_citation_author.name 
_citation_author.ordinal 
_citation_author.identifier_ORCID 
primary 'Gamble, T.R.'        1 ? 
primary 'Yoo, S.'             2 ? 
primary 'Vajdos, F.F.'        3 ? 
primary 'von Schwedler, U.K.' 4 ? 
primary 'Worthylake, D.K.'    5 ? 
primary 'Wang, H.'            6 ? 
primary 'McCutcheon, J.P.'    7 ? 
primary 'Sundquist, W.I.'     8 ? 
primary 'Hill, C.P.'          9 ? 
# 
loop_
_entity.id 
_entity.type 
_entity.src_method 
_entity.pdbx_description 
_entity.formula_weight 
_entity.pdbx_number_of_molecules 
_entity.pdbx_ec 
_entity.pdbx_mutation 
_entity.pdbx_fragment 
_entity.details 
1 polymer man 'HIV CAPSID' 8175.718 1  ? 'SELENOMETHIONINE SUBSTITUTIONS, L151MSE, M185MSE, M214MSE, M215MSE' 
'C-TERMINAL DOMAIN, RESIDUES 151 - 231' ? 
2 water   nat water        18.015   88 ? ?                                                                    ? ? 
# 
_entity_poly.entity_id                      1 
_entity_poly.type                           'polypeptide(L)' 
_entity_poly.nstd_linkage                   no 
_entity_poly.nstd_monomer                   yes 
_entity_poly.pdbx_seq_one_letter_code       
;(MSE)DIRQGPKEPFRDYVDRFYKTLRAEQASQEVKNW(MSE)TETLLVQNANPDCKTILKALGPGATLEE(MSE)
(MSE)TACQG
;
_entity_poly.pdbx_seq_one_letter_code_can   MDIRQGPKEPFRDYVDRFYKTLRAEQASQEVKNWMTETLLVQNANPDCKTILKALGPGATLEEMMTACQG 
_entity_poly.pdbx_strand_id                 A 
_entity_poly.pdbx_target_identifier         ? 
# 
_pdbx_entity_nonpoly.entity_id   2 
_pdbx_entity_nonpoly.name        water 
_pdbx_entity_nonpoly.comp_id     HOH 
# 
loop_
_entity_poly_seq.entity_id 
_entity_poly_seq.num 
_entity_poly_seq.mon_id 
_entity_poly_seq.hetero 
1 1  MSE n 
1 2  ASP n 
1 3  ILE n 
1 4  ARG n 
1 5  GLN n 
1 6  GLY n 
1 7  PRO n 
1 8  LYS n 
1 9  GLU n 
1 10 PRO n 
1 11 PHE n 
1 12 ARG n 
1 13 ASP n 
1 14 TYR n 
1 15 VAL n 
1 16 ASP n 
1 17 ARG n 
1 18 PHE n 
1 19 TYR n 
1 20 LYS n 
1 21 THR n 
1 22 LEU n 
1 23 ARG n 
1 24 ALA n 
1 25 GLU n 
1 26 GLN n 
1 27 ALA n 
1 28 SER n 
1 29 GLN n 
1 30 GLU n 
1 31 VAL n 
1 32 LYS n 
1 33 ASN n 
1 34 TRP n 
1 35 MSE n 
1 36 THR n 
1 37 GLU n 
1 38 THR n 
1 39 LEU n 
1 40 LEU n 
1 41 VAL n 
1 42 GLN n 
1 43 ASN n 
1 44 ALA n 
1 45 ASN n 
1 46 PRO n 
1 47 ASP n 
1 48 CYS n 
1 49 LYS n 
1 50 THR n 
1 51 ILE n 
1 52 LEU n 
1 53 LYS n 
1 54 ALA n 
1 55 LEU n 
1 56 GLY n 
1 57 PRO n 
1 58 GLY n 
1 59 ALA n 
1 60 THR n 
1 61 LEU n 
1 62 GLU n 
1 63 GLU n 
1 64 MSE n 
1 65 MSE n 
1 66 THR n 
1 67 ALA n 
1 68 CYS n 
1 69 GLN n 
1 70 GLY n 
# 
_entity_src_gen.entity_id                          1 
_entity_src_gen.pdbx_src_id                        1 
_entity_src_gen.pdbx_alt_source_flag               sample 
_entity_src_gen.pdbx_seq_type                      ? 
_entity_src_gen.pdbx_beg_seq_num                   ? 
_entity_src_gen.pdbx_end_seq_num                   ? 
_entity_src_gen.gene_src_common_name               ? 
_entity_src_gen.gene_src_genus                     Lentivirus 
_entity_src_gen.pdbx_gene_src_gene                 ? 
_entity_src_gen.gene_src_species                   ? 
_entity_src_gen.gene_src_strain                    ? 
_entity_src_gen.gene_src_tissue                    ? 
_entity_src_gen.gene_src_tissue_fraction           ? 
_entity_src_gen.gene_src_details                   ? 
_entity_src_gen.pdbx_gene_src_fragment             ? 
_entity_src_gen.pdbx_gene_src_scientific_name      'Human immunodeficiency virus 1' 
_entity_src_gen.pdbx_gene_src_ncbi_taxonomy_id     11676 
_entity_src_gen.pdbx_gene_src_variant              ? 
_entity_src_gen.pdbx_gene_src_cell_line            BL21 
_entity_src_gen.pdbx_gene_src_atcc                 ? 
_entity_src_gen.pdbx_gene_src_organ                ? 
_entity_src_gen.pdbx_gene_src_organelle            ? 
_entity_src_gen.pdbx_gene_src_cell                 ? 
_entity_src_gen.pdbx_gene_src_cellular_location    ? 
_entity_src_gen.host_org_common_name               ? 
_entity_src_gen.pdbx_host_org_scientific_name      'Escherichia coli BL21(DE3)' 
_entity_src_gen.pdbx_host_org_ncbi_taxonomy_id     469008 
_entity_src_gen.host_org_genus                     Escherichia 
_entity_src_gen.pdbx_host_org_gene                 ? 
_entity_src_gen.pdbx_host_org_organ                ? 
_entity_src_gen.host_org_species                   'Escherichia coli' 
_entity_src_gen.pdbx_host_org_tissue               ? 
_entity_src_gen.pdbx_host_org_tissue_fraction      ? 
_entity_src_gen.pdbx_host_org_strain               'BL21 (DE3)' 
_entity_src_gen.pdbx_host_org_variant              ? 
_entity_src_gen.pdbx_host_org_cell_line            ? 
_entity_src_gen.pdbx_host_org_atcc                 ? 
_entity_src_gen.pdbx_host_org_culture_collection   ? 
_entity_src_gen.pdbx_host_org_cell                 ? 
_entity_src_gen.pdbx_host_org_organelle            ? 
_entity_src_gen.pdbx_host_org_cellular_location    ? 
_entity_src_gen.pdbx_host_org_vector_type          ? 
_entity_src_gen.pdbx_host_org_vector               PET11A 
_entity_src_gen.host_org_details                   ? 
_entity_src_gen.expression_system_id               ? 
_entity_src_gen.plasmid_name                       WISP97-7 
_entity_src_gen.plasmid_details                    ? 
_entity_src_gen.pdbx_description                   ? 
# 
loop_
_chem_comp.id 
_chem_comp.type 
_chem_comp.mon_nstd_flag 
_chem_comp.name 
_chem_comp.pdbx_synonyms 
_chem_comp.formula 
_chem_comp.formula_weight 
ALA 'L-peptide linking' y ALANINE          ? 'C3 H7 N O2'     89.093  
ARG 'L-peptide linking' y ARGININE         ? 'C6 H15 N4 O2 1' 175.209 
ASN 'L-peptide linking' y ASPARAGINE       ? 'C4 H8 N2 O3'    132.118 
ASP 'L-peptide linking' y 'ASPARTIC ACID'  ? 'C4 H7 N O4'     133.103 
CYS 'L-peptide linking' y CYSTEINE         ? 'C3 H7 N O2 S'   121.158 
GLN 'L-peptide linking' y GLUTAMINE        ? 'C5 H10 N2 O3'   146.144 
GLU 'L-peptide linking' y 'GLUTAMIC ACID'  ? 'C5 H9 N O4'     147.129 
GLY 'peptide linking'   y GLYCINE          ? 'C2 H5 N O2'     75.067  
HOH non-polymer         . WATER            ? 'H2 O'           18.015  
ILE 'L-peptide linking' y ISOLEUCINE       ? 'C6 H13 N O2'    131.173 
LEU 'L-peptide linking' y LEUCINE          ? 'C6 H13 N O2'    131.173 
LYS 'L-peptide linking' y LYSINE           ? 'C6 H15 N2 O2 1' 147.195 
MSE 'L-peptide linking' n SELENOMETHIONINE ? 'C5 H11 N O2 Se' 196.106 
PHE 'L-peptide linking' y PHENYLALANINE    ? 'C9 H11 N O2'    165.189 
PRO 'L-peptide linking' y PROLINE          ? 'C5 H9 N O2'     115.130 
SER 'L-peptide linking' y SERINE           ? 'C3 H7 N O3'     105.093 
THR 'L-peptide linking' y THREONINE        ? 'C4 H9 N O3'     119.119 
TRP 'L-peptide linking' y TRYPTOPHAN       ? 'C11 H12 N2 O2'  204.225 
TYR 'L-peptide linking' y TYROSINE         ? 'C9 H11 N O3'    181.189 
VAL 'L-peptide linking' y VALINE           ? 'C5 H11 N O2'    117.146 
# 
loop_
_pdbx_poly_seq_scheme.asym_id 
_pdbx_poly_seq_scheme.entity_id 
_pdbx_poly_seq_scheme.seq_id 
_pdbx_poly_seq_scheme.mon_id 
_pdbx_poly_seq_scheme.ndb_seq_num 
_pdbx_poly_seq_scheme.pdb_seq_num 
_pdbx_poly_seq_scheme.auth_seq_num 
_pdbx_poly_seq_scheme.pdb_mon_id 
_pdbx_poly_seq_scheme.auth_mon_id 
_pdbx_poly_seq_scheme.pdb_strand_id 
_pdbx_poly_seq_scheme.pdb_ins_code 
_pdbx_poly_seq_scheme.hetero 
A 1 1  MSE 1  151 151 MSE MSE A . n 
A 1 2  ASP 2  152 152 ASP ASP A . n 
A 1 3  ILE 3  153 153 ILE ILE A . n 
A 1 4  ARG 4  154 154 ARG ARG A . n 
A 1 5  GLN 5  155 155 GLN GLN A . n 
A 1 6  GLY 6  156 156 GLY GLY A . n 
A 1 7  PRO 7  157 157 PRO PRO A . n 
A 1 8  LYS 8  158 158 LYS LYS A . n 
A 1 9  GLU 9  159 159 GLU GLU A . n 
A 1 10 PRO 10 160 160 PRO PRO A . n 
A 1 11 PHE 11 161 161 PHE PHE A . n 
A 1 12 ARG 12 162 162 ARG ARG A . n 
A 1 13 ASP 13 163 163 ASP ASP A . n 
A 1 14 TYR 14 164 164 TYR TYR A . n 
A 1 15 VAL 15 165 165 VAL VAL A . n 
A 1 16 ASP 16 166 166 ASP ASP A . n 
A 1 17 ARG 17 167 167 ARG ARG A . n 
A 1 18 PHE 18 168 168 PHE PHE A . n 
A 1 19 TYR 19 169 169 TYR TYR A . n 
A 1 20 LYS 20 170 170 LYS LYS A . n 
A 1 21 THR 21 171 171 THR THR A . n 
A 1 22 LEU 22 172 172 LEU LEU A . n 
A 1 23 ARG 23 173 173 ARG ARG A . n 
A 1 24 ALA 24 174 174 ALA ALA A . n 
A 1 25 GLU 25 175 175 GLU GLU A . n 
A 1 26 GLN 26 176 176 GLN GLN A . n 
A 1 27 ALA 27 177 177 ALA ALA A . n 
A 1 28 SER 28 178 178 SER SER A . n 
A 1 29 GLN 29 179 179 GLN GLN A . n 
A 1 30 GLU 30 180 180 GLU GLU A . n 
A 1 31 VAL 31 181 181 VAL VAL A . n 
A 1 32 LYS 32 182 182 LYS LYS A . n 
A 1 33 ASN 33 183 183 ASN ASN A . n 
A 1 34 TRP 34 184 184 TRP TRP A . n 
A 1 35 MSE 35 185 185 MSE MSE A . n 
A 1 36 THR 36 186 186 THR THR A . n 
A 1 37 GLU 37 187 187 GLU GLU A . n 
A 1 38 THR 38 188 188 THR THR A . n 
A 1 39 LEU 39 189 189 LEU LEU A . n 
A 1 40 LEU 40 190 190 LEU LEU A . n 
A 1 41 VAL 41 191 191 VAL VAL A . n 
A 1 42 GLN 42 192 192 GLN GLN A . n 
A 1 43 ASN 43 193 193 ASN ASN A . n 
A 1 44 ALA 44 194 194 ALA ALA A . n 
A 1 45 ASN 45 195 195 ASN ASN A . n 
A 1 46 PRO 46 196 196 PRO PRO A . n 
A 1 47 ASP 47 197 197 ASP ASP A . n 
A 1 48 CYS 48 198 198 CYS CYS A . n 
A 1 49 LYS 49 199 199 LYS LYS A . n 
A 1 50 THR 50 200 200 THR THR A . n 
A 1 51 ILE 51 201 201 ILE ILE A . n 
A 1 52 LEU 52 202 202 LEU LEU A . n 
A 1 53 LYS 53 203 203 LYS LYS A . n 
A 1 54 ALA 54 204 204 ALA ALA A . n 
A 1 55 LEU 55 205 205 LEU LEU A . n 
A 1 56 GLY 56 206 206 GLY GLY A . n 
A 1 57 PRO 57 207 207 PRO PRO A . n 
A 1 58 GLY 58 208 208 GLY GLY A . n 
A 1 59 ALA 59 209 209 ALA ALA A . n 
A 1 60 THR 60 210 210 THR THR A . n 
A 1 61 LEU 61 211 211 LEU LEU A . n 
A 1 62 GLU 62 212 212 GLU GLU A . n 
A 1 63 GLU 63 213 213 GLU GLU A . n 
A 1 64 MSE 64 214 214 MSE MSE A . n 
A 1 65 MSE 65 215 215 MSE MSE A . n 
A 1 66 THR 66 216 216 THR THR A . n 
A 1 67 ALA 67 217 217 ALA ALA A . n 
A 1 68 CYS 68 218 218 CYS CYS A . n 
A 1 69 GLN 69 219 219 GLN GLN A . n 
A 1 70 GLY 70 220 220 GLY GLY A . n 
# 
loop_
_pdbx_nonpoly_scheme.asym_id 
_pdbx_nonpoly_scheme.entity_id 
_pdbx_nonpoly_scheme.mon_id 
_pdbx_nonpoly_scheme.ndb_seq_num 
_pdbx_nonpoly_scheme.pdb_seq_num 
_pdbx_nonpoly_scheme.auth_seq_num 
_pdbx_nonpoly_scheme.pdb_mon_id 
_pdbx_nonpoly_scheme.auth_mon_id 
_pdbx_nonpoly_scheme.pdb_strand_id 
_pdbx_nonpoly_scheme.pdb_ins_code 
B 2 HOH 1  1000 1000 HOH HOH A . 
B 2 HOH 2  1001 1001 HOH HOH A . 
B 2 HOH 3  1002 1002 HOH HOH A . 
B 2 HOH 4  1003 1003 HOH HOH A . 
B 2 HOH 5  1004 1004 HOH HOH A . 
B 2 HOH 6  1005 1005 HOH HOH A . 
B 2 HOH 7  1006 1006 HOH HOH A . 
B 2 HOH 8  1007 1007 HOH HOH A . 
B 2 HOH 9  1008 1008 HOH HOH A . 
B 2 HOH 10 1009 1009 HOH HOH A . 
B 2 HOH 11 1010 1010 HOH HOH A . 
B 2 HOH 12 1011 1011 HOH HOH A . 
B 2 HOH 13 1012 1012 HOH HOH A . 
B 2 HOH 14 1013 1013 HOH HOH A . 
B 2 HOH 15 1014 1014 HOH HOH A . 
B 2 HOH 16 1015 1015 HOH HOH A . 
B 2 HOH 17 1016 1016 HOH HOH A . 
B 2 HOH 18 1017 1017 HOH HOH A . 
B 2 HOH 19 1018 1018 HOH HOH A . 
B 2 HOH 20 1019 1019 HOH HOH A . 
B 2 HOH 21 1020 1020 HOH HOH A . 
B 2 HOH 22 1021 1021 HOH HOH A . 
B 2 HOH 23 1022 1022 HOH HOH A . 
B 2 HOH 24 1023 1023 HOH HOH A . 
B 2 HOH 25 1024 1024 HOH HOH A . 
B 2 HOH 26 1025 1025 HOH HOH A . 
B 2 HOH 27 1026 1026 HOH HOH A . 
B 2 HOH 28 1027 1027 HOH HOH A . 
B 2 HOH 29 1028 1028 HOH HOH A . 
B 2 HOH 30 1029 1029 HOH HOH A . 
B 2 HOH 31 1030 1030 HOH HOH A . 
B 2 HOH 32 1031 1031 HOH HOH A . 
B 2 HOH 33 1032 1032 HOH HOH A . 
B 2 HOH 34 1033 1033 HOH HOH A . 
B 2 HOH 35 1034 1034 HOH HOH A . 
B 2 HOH 36 1035 1035 HOH HOH A . 
B 2 HOH 37 1036 1036 HOH HOH A . 
B 2 HOH 38 1037 1037 HOH HOH A . 
B 2 HOH 39 1038 1038 HOH HOH A . 
B 2 HOH 40 1039 1039 HOH HOH A . 
B 2 HOH 41 1040 1040 HOH HOH A . 
B 2 HOH 42 1041 1041 HOH HOH A . 
B 2 HOH 43 1042 1042 HOH HOH A . 
B 2 HOH 44 1043 1043 HOH HOH A . 
B 2 HOH 45 1044 1044 HOH HOH A . 
B 2 HOH 46 1045 1045 HOH HOH A . 
B 2 HOH 47 1046 1046 HOH HOH A . 
B 2 HOH 48 1047 1047 HOH HOH A . 
B 2 HOH 49 1048 1048 HOH HOH A . 
B 2 HOH 50 1049 1049 HOH HOH A . 
B 2 HOH 51 1050 1050 HOH HOH A . 
B 2 HOH 52 1051 1051 HOH HOH A . 
B 2 HOH 53 1052 1052 HOH HOH A . 
B 2 HOH 54 1053 1053 HOH HOH A . 
B 2 HOH 55 1054 1054 HOH HOH A . 
B 2 HOH 56 1055 1055 HOH HOH A . 
B 2 HOH 57 1056 1056 HOH HOH A . 
B 2 HOH 58 1057 1057 HOH HOH A . 
B 2 HOH 59 1058 1058 HOH HOH A . 
B 2 HOH 60 1059 1059 HOH HOH A . 
B 2 HOH 61 1060 1060 HOH HOH A . 
B 2 HOH 62 1061 1061 HOH HOH A . 
B 2 HOH 63 1062 1062 HOH HOH A . 
B 2 HOH 64 1063 1063 HOH HOH A . 
B 2 HOH 65 1064 1064 HOH HOH A . 
B 2 HOH 66 1065 1065 HOH HOH A . 
B 2 HOH 67 1066 1066 HOH HOH A . 
B 2 HOH 68 1067 1067 HOH HOH A . 
B 2 HOH 69 1068 1068 HOH HOH A . 
B 2 HOH 70 1069 1069 HOH HOH A . 
B 2 HOH 71 1070 1070 HOH HOH A . 
B 2 HOH 72 1071 1071 HOH HOH A . 
B 2 HOH 73 1072 1072 HOH HOH A . 
B 2 HOH 74 1073 1073 HOH HOH A . 
B 2 HOH 75 1074 1074 HOH HOH A . 
B 2 HOH 76 1075 1075 HOH HOH A . 
B 2 HOH 77 1076 1076 HOH HOH A . 
B 2 HOH 78 1077 1077 HOH HOH A . 
B 2 HOH 79 1078 1078 HOH HOH A . 
B 2 HOH 80 1079 1079 HOH HOH A . 
B 2 HOH 81 1080 1080 HOH HOH A . 
B 2 HOH 82 1081 1081 HOH HOH A . 
B 2 HOH 83 1082 1082 HOH HOH A . 
B 2 HOH 84 1083 1083 HOH HOH A . 
B 2 HOH 85 1084 1084 HOH HOH A . 
B 2 HOH 86 1085 1085 HOH HOH A . 
B 2 HOH 87 1086 1086 HOH HOH A . 
B 2 HOH 88 1087 1087 HOH HOH A . 
# 
loop_
_pdbx_unobs_or_zero_occ_atoms.id 
_pdbx_unobs_or_zero_occ_atoms.PDB_model_num 
_pdbx_unobs_or_zero_occ_atoms.polymer_flag 
_pdbx_unobs_or_zero_occ_atoms.occupancy_flag 
_pdbx_unobs_or_zero_occ_atoms.auth_asym_id 
_pdbx_unobs_or_zero_occ_atoms.auth_comp_id 
_pdbx_unobs_or_zero_occ_atoms.auth_seq_id 
_pdbx_unobs_or_zero_occ_atoms.PDB_ins_code 
_pdbx_unobs_or_zero_occ_atoms.auth_atom_id 
_pdbx_unobs_or_zero_occ_atoms.label_alt_id 
_pdbx_unobs_or_zero_occ_atoms.label_asym_id 
_pdbx_unobs_or_zero_occ_atoms.label_comp_id 
_pdbx_unobs_or_zero_occ_atoms.label_seq_id 
_pdbx_unobs_or_zero_occ_atoms.label_atom_id 
1 1 Y 0 A LYS 203 ? CD ? A LYS 53 CD 
2 1 Y 0 A LYS 203 ? CE ? A LYS 53 CE 
3 1 Y 0 A LYS 203 ? NZ ? A LYS 53 NZ 
# 
loop_
_software.name 
_software.classification 
_software.version 
_software.citation_id 
_software.pdbx_ordinal 
DENZO     'data reduction' .     ? 1 
SCALEPACK 'data scaling'   .     ? 2 
X-PLOR    'model building' 3.843 ? 3 
X-PLOR    refinement       3.843 ? 4 
X-PLOR    phasing          3.843 ? 5 
# 
_cell.entry_id           1A8O 
_cell.length_a           41.980 
_cell.length_b           41.980 
_cell.length_c           88.920 
_cell.angle_alpha        90.00 
_cell.angle_beta         90.00 
_cell.angle_gamma        90.00 
_cell.Z_PDB              8 
_cell.pdbx_unique_axis   ? 
_cell.length_a_esd       ? 
_cell.length_b_esd       ? 
_cell.length_c_esd       ? 
_cell.angle_alpha_esd    ? 
_cell.angle_beta_esd     ? 
_cell.angle_gamma_esd    ? 
# 
_symmetry.entry_id                         1A8O 
_symmetry.space_group_name_H-M             'P 43 21 2' 
_symmetry.pdbx_full_space_group_name_H-M   ? 
_symmetry.cell_setting                     ? 
_symmetry.Int_Tables_number                96 
_symmetry.space_group_name_Hall            ? 
# 
_exptl.entry_id          1A8O 
_exptl.method            'X-RAY DIFFRACTION' 
_exptl.crystals_number   1 
# 
_exptl_crystal.id                    1 
_exptl_crystal.density_meas          ? 
_exptl_crystal.density_Matthews      2.21 
_exptl_crystal.density_percent_sol   43.8 
_exptl_crystal.description           ? 
_exptl_crystal.F_000                 ? 
_exptl_crystal.preparation           ? 
# 
_exptl_crystal_grow.crystal_id      1 
_exptl_crystal_grow.method          'VAPOR DIFFUSION, SITTING DROP' 
_exptl_crystal_grow.temp            277 
_exptl_crystal_grow.temp_details    ? 
_exptl_crystal_grow.pH              8.0 
_exptl_crystal_grow.pdbx_pH_range   ? 
_exptl_crystal_grow.pdbx_details    
;CRYSTALS OF CA(151-231) WERE GROWN AT 4C IN 4 MICROLITER SITTING DROPS CONTAINING A 1:1 MIXTURE OF PROTEIN SOLUTION (2.1 MM CA(151-231) IN 10MM TRIS (PH 8.0) AND 2 MM 2-MERCAPTOETHANOL) AND RESERVOIR SOLUTION (2.0 M AMMONIUM SULFATE), vapor diffusion - sitting drop, temperature 277K
;
# 
_diffrn.id                     1 
_diffrn.ambient_temp           100 
_diffrn.ambient_temp_details   ? 
_diffrn.crystal_id             1 
# 
_diffrn_detector.diffrn_id              1 
_diffrn_detector.detector               'IMAGE PLATE' 
_diffrn_detector.type                   MARRESEARCH 
_diffrn_detector.pdbx_collection_date   1996-12 
_diffrn_detector.details                COLLIMATOR 
# 
_diffrn_radiation.diffrn_id                        1 
_diffrn_radiation.wavelength_id                    1 
_diffrn_radiation.pdbx_monochromatic_or_laue_m_l   M 
_diffrn_radiation.monochromator                    'SI(111)' 
_diffrn_radiation.pdbx_diffrn_protocol             ? 
_diffrn_radiation.pdbx_scattering_type             x-ray 
# 
_diffrn_radiation_wavelength.id           1 
_diffrn_radiation_wavelength.wavelength   1.24 
_diffrn_radiation_wavelength.wt           1.0 
# 
_diffrn_source.diffrn_id                   1 
_diffrn_source.source                      SYNCHROTRON 
_diffrn_source.type                        'SSRL BEAMLINE BL1-5' 
_diffrn_source.pdbx_synchrotron_site       SSRL 
_diffrn_source.pdbx_synchrotron_beamline   BL1-5 
_diffrn_source.pdbx_wavelength             1.24 
_diffrn_source.pdbx_wavelength_list        ? 
# 
_reflns.entry_id                     1A8O 
_reflns.observed_criterion_sigma_I   -2.0 
_reflns.observed_criterion_sigma_F   ? 
_reflns.d_resolution_low             25.0 
_reflns.d_resolution_high            1.7 
_reflns.number_obs                   9307 
_reflns.number_all                   ? 
_reflns.percent_possible_obs         99.6 
_reflns.pdbx_Rmerge_I_obs            ? 
_reflns.pdbx_Rsym_value              0.036 
_reflns.pdbx_netI_over_sigmaI        15.0 
_reflns.B_iso_Wilson_estimate        21.1 
_reflns.pdbx_redundancy              ? 
_reflns.R_free_details               ? 
_reflns.limit_h_max                  ? 
_reflns.limit_h_min                  ? 
_reflns.limit_k_max                  ? 
_reflns.limit_k_min                  ? 
_reflns.limit_l_max                  ? 
_reflns.limit_l_min                  ? 
_reflns.observed_criterion_F_max     ? 
_reflns.observed_criterion_F_min     ? 
_reflns.pdbx_chi_squared             ? 
_reflns.pdbx_scaling_rejects         ? 
_reflns.pdbx_diffrn_id               1 
_reflns.pdbx_ordinal                 1 
# 
_reflns_shell.d_res_high             1.7 
_reflns_shell.d_res_low              1.73 
_reflns_shell.percent_possible_all   98.6 
_reflns_shell.Rmerge_I_obs           ? 
_reflns_shell.pdbx_Rsym_value        0.232 
_reflns_shell.meanI_over_sigI_obs    5.0 
_reflns_shell.pdbx_redundancy        ? 
_reflns_shell.percent_possible_obs   ? 
_reflns_shell.number_unique_all      ? 
_reflns_shell.number_measured_all    ? 
_reflns_shell.number_measured_obs    ? 
_reflns_shell.number_unique_obs      ? 
_reflns_shell.pdbx_chi_squared       ? 
_reflns_shell.pdbx_diffrn_id         ? 
_reflns_shell.pdbx_ordinal           1 
# 
_refine.entry_id                                 1A8O 
_refine.ls_number_reflns_obs                     9254 
_refine.ls_number_reflns_all                     ? 
_refine.pdbx_ls_sigma_I                          ? 
_refine.pdbx_ls_sigma_F                          -2.0 
_refine.pdbx_data_cutoff_high_absF               10000000.00 
_refine.pdbx_data_cutoff_low_absF                0.00100 
_refine.pdbx_data_cutoff_high_rms_absF           ? 
_refine.ls_d_res_low                             25.00 
_refine.ls_d_res_high                            1.70 
_refine.ls_percent_reflns_obs                    99.5 
_refine.ls_R_factor_obs                          0.215 
_refine.ls_R_factor_all                          ? 
_refine.ls_R_factor_R_work                       0.215 
_refine.ls_R_factor_R_free                       0.253 
_refine.ls_R_factor_R_free_error                 0.008 
_refine.ls_R_factor_R_free_error_details         ? 
_refine.ls_percent_reflns_R_free                 10.5 
_refine.ls_number_reflns_R_free                  969 
_refine.ls_number_parameters                     ? 
_refine.ls_number_restraints                     ? 
_refine.occupancy_min                            ? 
_refine.occupancy_max                            ? 
_refine.B_iso_mean                               22.6 
_refine.aniso_B[1][1]                            1.85 
_refine.aniso_B[2][2]                            1.85 
_refine.aniso_B[3][3]                            -3.69 
_refine.aniso_B[1][2]                            0.00 
_refine.aniso_B[1][3]                            0.00 
_refine.aniso_B[2][3]                            0.00 
_refine.solvent_model_details                    ? 
_refine.solvent_model_param_ksol                 ? 
_refine.solvent_model_param_bsol                 ? 
_refine.pdbx_ls_cross_valid_method               THROUGHOUT 
_refine.details                                  'BULK SOLVENT MODEL USED' 
_refine.pdbx_starting_model                      ? 
_refine.pdbx_method_to_determine_struct          'MULTI-WAVELENGTH ANOMALOUS DISPERSION' 
_refine.pdbx_isotropic_thermal_model             RESTRAINED 
_refine.pdbx_stereochemistry_target_values       ? 
_refine.pdbx_stereochem_target_val_spec_case     ? 
_refine.pdbx_R_Free_selection_details            RANDOM 
_refine.pdbx_overall_ESU_R                       ? 
_refine.pdbx_overall_ESU_R_Free                  ? 
_refine.overall_SU_ML                            ? 
_refine.overall_SU_B                             ? 
_refine.pdbx_refine_id                           'X-RAY DIFFRACTION' 
_refine.ls_redundancy_reflns_obs                 ? 
_refine.pdbx_overall_phase_error                 ? 
_refine.B_iso_min                                ? 
_refine.B_iso_max                                ? 
_refine.correlation_coeff_Fo_to_Fc               ? 
_refine.correlation_coeff_Fo_to_Fc_free          ? 
_refine.pdbx_solvent_vdw_probe_radii             ? 
_refine.pdbx_solvent_ion_probe_radii             ? 
_refine.pdbx_solvent_shrinkage_radii             ? 
_refine.overall_SU_R_Cruickshank_DPI             ? 
_refine.overall_SU_R_free                        ? 
_refine.ls_wR_factor_R_free                      ? 
_refine.ls_wR_factor_R_work                      ? 
_refine.overall_FOM_free_R_set                   ? 
_refine.overall_FOM_work_R_set                   ? 
_refine.pdbx_diffrn_id                           1 
_refine.pdbx_TLS_residual_ADP_flag               ? 
_refine.pdbx_overall_SU_R_free_Cruickshank_DPI   ? 
_refine.pdbx_overall_SU_R_Blow_DPI               ? 
_refine.pdbx_overall_SU_R_free_Blow_DPI          ? 
# 
_refine_analyze.entry_id                        1A8O 
_refine_analyze.Luzzati_coordinate_error_obs    0.21 
_refine_analyze.Luzzati_sigma_a_obs             0.19 
_refine_analyze.Luzzati_d_res_low_obs           5.00 
_refine_analyze.Luzzati_coordinate_error_free   0.23 
_refine_analyze.Luzzati_sigma_a_free            0.19 
_refine_analyze.Luzzati_d_res_low_free          ? 
_refine_analyze.number_disordered_residues      ? 
_refine_analyze.occupancy_sum_hydrogen          ? 
_refine_analyze.occupancy_sum_non_hydrogen      ? 
_refine_analyze.pdbx_refine_id                  'X-RAY DIFFRACTION' 
_refine_analyze.pdbx_Luzzati_d_res_high_obs     ? 
# 
_refine_hist.pdbx_refine_id                   'X-RAY DIFFRACTION' 
_refine_hist.cycle_id                         LAST 
_refine_hist.pdbx_number_atoms_protein        556 
_refine_hist.pdbx_number_atoms_nucleic_acid   0 
_refine_hist.pdbx_number_atoms_ligand         0 
_refine_hist.number_atoms_solvent             88 
_refine_hist.number_atoms_total               644 
_refine_hist.d_res_high                       1.70 
_refine_hist.d_res_low                        25.00 
# 
loop_
_refine_ls_restr.type 
_refine_ls_restr.dev_ideal 
_refine_ls_restr.dev_ideal_target 
_refine_ls_restr.weight 
_refine_ls_restr.number 
_refine_ls_restr.pdbx_refine_id 
_refine_ls_restr.pdbx_restraint_function 
x_bond_d                0.005 ?    ? ? 'X-RAY DIFFRACTION' ? 
x_bond_d_na             ?     ?    ? ? 'X-RAY DIFFRACTION' ? 
x_bond_d_prot           ?     ?    ? ? 'X-RAY DIFFRACTION' ? 
x_angle_d               ?     ?    ? ? 'X-RAY DIFFRACTION' ? 
x_angle_d_na            ?     ?    ? ? 'X-RAY DIFFRACTION' ? 
x_angle_d_prot          ?     ?    ? ? 'X-RAY DIFFRACTION' ? 
x_angle_deg             1.1   ?    ? ? 'X-RAY DIFFRACTION' ? 
x_angle_deg_na          ?     ?    ? ? 'X-RAY DIFFRACTION' ? 
x_angle_deg_prot        ?     ?    ? ? 'X-RAY DIFFRACTION' ? 
x_dihedral_angle_d      20.4  ?    ? ? 'X-RAY DIFFRACTION' ? 
x_dihedral_angle_d_na   ?     ?    ? ? 'X-RAY DIFFRACTION' ? 
x_dihedral_angle_d_prot ?     ?    ? ? 'X-RAY DIFFRACTION' ? 
x_improper_angle_d      1.01  ?    ? ? 'X-RAY DIFFRACTION' ? 
x_improper_angle_d_na   ?     ?    ? ? 'X-RAY DIFFRACTION' ? 
x_improper_angle_d_prot ?     ?    ? ? 'X-RAY DIFFRACTION' ? 
x_mcbond_it             1.31  1.50 ? ? 'X-RAY DIFFRACTION' ? 
x_mcangle_it            2.12  2.00 ? ? 'X-RAY DIFFRACTION' ? 
x_scbond_it             2.41  2.00 ? ? 'X-RAY DIFFRACTION' ? 
x_scangle_it            3.92  2.50 ? ? 'X-RAY DIFFRACTION' ? 
# 
_refine_ls_shell.pdbx_total_number_of_bins_used   6 
_refine_ls_shell.d_res_high                       1.70 
_refine_ls_shell.d_res_low                        1.81 
_refine_ls_shell.number_reflns_R_work             1320 
_refine_ls_shell.R_factor_R_work                  0.276 
_refine_ls_shell.percent_reflns_obs               99.1 
_refine_ls_shell.R_factor_R_free                  0.328 
_refine_ls_shell.R_factor_R_free_error            0.027 
_refine_ls_shell.percent_reflns_R_free            10.4 
_refine_ls_shell.number_reflns_R_free             153 
_refine_ls_shell.pdbx_refine_id                   'X-RAY DIFFRACTION' 
_refine_ls_shell.redundancy_reflns_obs            ? 
_refine_ls_shell.number_reflns_all                ? 
_refine_ls_shell.number_reflns_obs                ? 
_refine_ls_shell.R_factor_all                     ? 
# 
loop_
_pdbx_xplor_file.serial_no 
_pdbx_xplor_file.param_file 
_pdbx_xplor_file.topol_file 
_pdbx_xplor_file.pdbx_refine_id 
1 PARHCSDX.PRO    TOPHCSDX.PRO   'X-RAY DIFFRACTION' 
2 TIP3P.PARAMETER TIP3P.TOPOLOGY 'X-RAY DIFFRACTION' 
# 
_struct.entry_id                  1A8O 
_struct.title                     'HIV CAPSID C-TERMINAL DOMAIN' 
_struct.pdbx_model_details        ? 
_struct.pdbx_CASP_flag            ? 
_struct.pdbx_model_type_details   ? 
# 
_struct_keywords.entry_id        1A8O 
_struct_keywords.pdbx_keywords   'VIRAL PROTEIN' 
_struct_keywords.text            'CAPSID, CORE PROTEIN, HIV, C-TERMINAL DOMAIN, Viral protein' 
# 
loop_
_struct_asym.id 
_struct_asym.pdbx_blank_PDB_chainid_flag 
_struct_asym.pdbx_modified 
_struct_asym.entity_id 
_struct_asym.details 
A N N 1 ? 
B N N 2 ? 
# 
_struct_ref.id                         1 
_struct_ref.db_name                    UNP 
_struct_ref.db_code                    POL_HV1N5 
_struct_ref.entity_id                  1 
_struct_ref.pdbx_db_accession          P12497 
_struct_ref.pdbx_align_begin           1 
_struct_ref.pdbx_seq_one_letter_code   
;GARASVLSGGELDKWEKIRLRPGGKKQYKLKHIVWASRELERFAVNPGLLETSEGCRQILGQLQPSLQTGSEELRSLYNT
IAVLYCVHQRIDVKDTKEALDKIEEEQNKSKKKAQQAAADTGNNSQVSQNYPIVQNLQGQMVHQAISPRTLNAWVKVVEE
KAFSPEVIPMFSALSEGATPQDLNTMLNTVGGHQAAMQMLKETINEEAAEWDRLHPVHAGPIAPGQMREPRGSDIAGTTS
TLQEQIGWMTHNPPIPVGEIYKRWIILGLNKIVRMYSPTSILDIRQGPKEPFRDYVDRFYKTLRAEQASQEVKNWMTETL
LVQNANPDCKTILKALGPGATLEEMMTACQGVGGPGHKARVLAEAMSQVTNPATIMIQKGNFRNQRKTVKCFNCGKEGHI
AKNCRAPRKKGCWKCGKEGHQMKDCTERQANFLGKIWPSHKGRPGNFLQSRPEPTAPPEESFRFGEETTTPSQKQEPIDK
ELYPLASLRSLFGSDPSSQ
;
_struct_ref.pdbx_db_isoform            ? 
# 
_struct_ref_seq.align_id                      1 
_struct_ref_seq.ref_id                        1 
_struct_ref_seq.pdbx_PDB_id_code              1A8O 
_struct_ref_seq.pdbx_strand_id                A 
_struct_ref_seq.seq_align_beg                 2 
_struct_ref_seq.pdbx_seq_align_beg_ins_code   ? 
_struct_ref_seq.seq_align_end                 70 
_struct_ref_seq.pdbx_seq_align_end_ins_code   ? 
_struct_ref_seq.pdbx_db_accession             P12497 
_struct_ref_seq.db_align_beg                  283 
_struct_ref_seq.pdbx_db_align_beg_ins_code    ? 
_struct_ref_seq.db_align_end                  351 
_struct_ref_seq.pdbx_db_align_end_ins_code    ? 
_struct_ref_seq.pdbx_auth_seq_align_beg       152 
_struct_ref_seq.pdbx_auth_seq_align_end       220 
# 
_pdbx_struct_assembly.id                   1 
_pdbx_struct_assembly.details              author_defined_assembly 
_pdbx_struct_assembly.method_details       ? 
_pdbx_struct_assembly.oligomeric_details   dimeric 
_pdbx_struct_assembly.oligomeric_count     2 
# 
_pdbx_struct_assembly_gen.assembly_id       1 
_pdbx_struct_assembly_gen.oper_expression   1,2 
_pdbx_struct_assembly_gen.asym_id_list      A,B 
# 
loop_
_pdbx_struct_oper_list.id 
_pdbx_struct_oper_list.type 
_pdbx_struct_oper_list.name 
_pdbx_struct_oper_list.symmetry_operation 
_pdbx_struct_oper_list.matrix[1][1] 
_pdbx_struct_oper_list.matrix[1][2] 
_pdbx_struct_oper_list.matrix[1][3] 
_pdbx_struct_oper_list.vector[1] 
_pdbx_struct_oper_list.matrix[2][1] 
_pdbx_struct_oper_list.matrix[2][2] 
_pdbx_struct_oper_list.matrix[2][3] 
_pdbx_struct_oper_list.vector[2] 
_pdbx_struct_oper_list.matrix[3][1] 
_pdbx_struct_oper_list.matrix[3][2] 
_pdbx_struct_oper_list.matrix[3][3] 
_pdbx_struct_oper_list.vector[3] 
1 'identity operation'         1_555 x,y,z            1.0000000000  0.0000000000  0.0000000000  0.0000000000 0.0000000000  1.0000000000  0.0000000000 0.0000000000  0.0000000000  0.0000000000 1.0000000000 0.0000000000  
2 'crystal symmetry operation' 8_665 -y+1,-x+1,-z+1/2 -0.9658597540 -0.0971656785 -0.2401536311 5.5114933798 -0.0971656785 -0.7234592547 0.6834950898 19.6631238368 -0.2401536311 0.6834950898 0.6893190087 -7.1721465170 
# 
_struct_biol.id        1 
_struct_biol.details   ? 
# 
loop_
_struct_conf.conf_type_id 
_struct_conf.id 
_struct_conf.pdbx_PDB_helix_id 
_struct_conf.beg_label_comp_id 
_struct_conf.beg_label_asym_id 
_struct_conf.beg_label_seq_id 
_struct_conf.pdbx_beg_PDB_ins_code 
_struct_conf.end_label_comp_id 
_struct_conf.end_label_asym_id 
_struct_conf.end_label_seq_id 
_struct_conf.pdbx_end_PDB_ins_code 
_struct_conf.beg_auth_comp_id 
_struct_conf.beg_auth_asym_id 
_struct_conf.beg_auth_seq_id 
_struct_conf.end_auth_comp_id 
_struct_conf.end_auth_asym_id 
_struct_conf.end_auth_seq_id 
_struct_conf.pdbx_PDB_helix_class 
_struct_conf.details 
_struct_conf.pdbx_PDB_helix_length 
HELX_P HELX_P1 1 PHE A 11 ? GLU A 25 ? PHE A 161 GLU A 175 1 ? 15 
HELX_P HELX_P2 2 GLN A 29 ? GLU A 37 ? GLN A 179 GLU A 187 1 ? 9  
HELX_P HELX_P3 3 LEU A 39 ? GLN A 42 ? LEU A 189 GLN A 192 1 ? 4  
HELX_P HELX_P4 4 PRO A 46 ? LEU A 55 ? PRO A 196 LEU A 205 1 ? 10 
HELX_P HELX_P5 5 LEU A 61 ? ALA A 67 ? LEU A 211 ALA A 217 1 ? 7  
# 
_struct_conf_type.id          HELX_P 
_struct_conf_type.criteria    ? 
_struct_conf_type.reference   ? 
# 
loop_
_struct_conn.id 
_struct_conn.conn_type_id 
_struct_conn.pdbx_leaving_atom_flag 
_struct_conn.pdbx_PDB_id 
_struct_conn.ptnr1_label_asym_id 
_struct_conn.ptnr1_label_comp_id 
_struct_conn.ptnr1_label_seq_id 
_struct_conn.ptnr1_label_atom_id 
_struct_conn.pdbx_ptnr1_label_alt_id 
_struct_conn.pdbx_ptnr1_PDB_ins_code 
_struct_conn.pdbx_ptnr1_standard_comp_id 
_struct_conn.ptnr1_symmetry 
_struct_conn.ptnr2_label_asym_id 
_struct_conn.ptnr2_label_comp_id 
_struct_conn.ptnr2_label_seq_id 
_struct_conn.ptnr2_label_atom_id 
_struct_conn.pdbx_ptnr2_label_alt_id 
_struct_conn.pdbx_ptnr2_PDB_ins_code 
_struct_conn.ptnr1_auth_asym_id 
_struct_conn.ptnr1_auth_comp_id 
_struct_conn.ptnr1_auth_seq_id 
_struct_conn.ptnr2_auth_asym_id 
_struct_conn.ptnr2_auth_comp_id 
_struct_conn.ptnr2_auth_seq_id 
_struct_conn.ptnr2_symmetry 
_struct_conn.pdbx_ptnr3_label_atom_id 
_struct_conn.pdbx_ptnr3_label_seq_id 
_struct_conn.pdbx_ptnr3_label_comp_id 
_struct_conn.pdbx_ptnr3_label_asym_id 
_struct_conn.pdbx_ptnr3_label_alt_id 
_struct_conn.pdbx_ptnr3_PDB_ins_code 
_struct_conn.details 
_struct_conn.pdbx_dist_value 
_struct_conn.pdbx_value_order 
_struct_conn.pdbx_role 
disulf1 disulf ?    ? A CYS 48 SG ? ? ? 1_555 A CYS 68 SG ? ? A CYS 198 A CYS 218 1_555 ? ? ? ? ? ? ? 2.037 ? ? 
covale1 covale both ? A MSE 1  C  ? ? ? 1_555 A ASP 2  N  ? ? A MSE 151 A ASP 152 1_555 ? ? ? ? ? ? ? 1.326 ? ? 
covale2 covale both ? A TRP 34 C  ? ? ? 1_555 A MSE 35 N  ? ? A TRP 184 A MSE 185 1_555 ? ? ? ? ? ? ? 1.330 ? ? 
covale3 covale both ? A MSE 35 C  ? ? ? 1_555 A THR 36 N  ? ? A MSE 185 A THR 186 1_555 ? ? ? ? ? ? ? 1.333 ? ? 
covale4 covale both ? A GLU 63 C  ? ? ? 1_555 A MSE 64 N  ? ? A GLU 213 A MSE 214 1_555 ? ? ? ? ? ? ? 1.334 ? ? 
covale5 covale both ? A MSE 64 C  ? ? ? 1_555 A MSE 65 N  ? ? A MSE 214 A MSE 215 1_555 ? ? ? ? ? ? ? 1.332 ? ? 
covale6 covale both ? A MSE 65 C  ? ? ? 1_555 A THR 66 N  ? ? A MSE 215 A THR 216 1_555 ? ? ? ? ? ? ? 1.330 ? ? 
# 
loop_
_struct_conn_type.id 
_struct_conn_type.criteria 
_struct_conn_type.reference 
disulf ? ? 
covale ? ? 
# 
loop_
_pdbx_modification_feature.ordinal 
_pdbx_modification_feature.label_comp_id 
_pdbx_modification_feature.label_asym_id 
_pdbx_modification_feature.label_seq_id 
_pdbx_modification_feature.label_alt_id 
_pdbx_modification_feature.modified_residue_label_comp_id 
_pdbx_modification_feature.modified_residue_label_asym_id 
_pdbx_modification_feature.modified_residue_label_seq_id 
_pdbx_modification_feature.modified_residue_label_alt_id 
_pdbx_modification_feature.auth_comp_id 
_pdbx_modification_feature.auth_asym_id 
_pdbx_modification_feature.auth_seq_id 
_pdbx_modification_feature.PDB_ins_code 
_pdbx_modification_feature.symmetry 
_pdbx_modification_feature.modified_residue_auth_comp_id 
_pdbx_modification_feature.modified_residue_auth_asym_id 
_pdbx_modification_feature.modified_residue_auth_seq_id 
_pdbx_modification_feature.modified_residue_PDB_ins_code 
_pdbx_modification_feature.modified_residue_symmetry 
_pdbx_modification_feature.comp_id_linking_atom 
_pdbx_modification_feature.modified_residue_id_linking_atom 
_pdbx_modification_feature.modified_residue_id 
_pdbx_modification_feature.ref_pcm_id 
_pdbx_modification_feature.ref_comp_id 
_pdbx_modification_feature.type 
_pdbx_modification_feature.category 
1 MSE A 1  ? .   . .  . MSE A 151 ? 1_555 .   . .   . .     .  .  MET 1 MSE Selenomethionine 'Named protein modification' 
2 MSE A 35 ? .   . .  . MSE A 185 ? 1_555 .   . .   . .     .  .  MET 1 MSE Selenomethionine 'Named protein modification' 
3 MSE A 64 ? .   . .  . MSE A 214 ? 1_555 .   . .   . .     .  .  MET 1 MSE Selenomethionine 'Named protein modification' 
4 MSE A 65 ? .   . .  . MSE A 215 ? 1_555 .   . .   . .     .  .  MET 1 MSE Selenomethionine 'Named protein modification' 
5 CYS A 48 ? CYS A 68 ? CYS A 198 ? 1_555 CYS A 218 ? 1_555 SG SG .   . .   None             'Disulfide bridge'           
# 
_pdbx_entry_details.entry_id                   1A8O 
_pdbx_entry_details.compound_details           ? 
_pdbx_entry_details.source_details             ? 
_pdbx_entry_details.nonpolymer_details         ? 
_pdbx_entry_details.sequence_details           ? 
_pdbx_entry_details.has_ligand_of_interest     ? 
_pdbx_entry_details.has_protein_modification   Y 
# 
_pdbx_validate_torsion.id              1 
_pdbx_validate_torsion.PDB_model_num   1 
_pdbx_validate_torsion.auth_comp_id    THR 
_pdbx_validate_torsion.auth_asym_id    A 
_pdbx_validate_torsion.auth_seq_id     188 
_pdbx_validate_torsion.PDB_ins_code    ? 
_pdbx_validate_torsion.label_alt_id    ? 
_pdbx_validate_torsion.phi             -100.08 
_pdbx_validate_torsion.psi             -89.70 
# 
loop_
_pdbx_struct_mod_residue.id 
_pdbx_struct_mod_residue.label_asym_id 
_pdbx_struct_mod_residue.label_comp_id 
_pdbx_struct_mod_residue.label_seq_id 
_pdbx_struct_mod_residue.auth_asym_id 
_pdbx_struct_mod_residue.auth_comp_id 
_pdbx_struct_mod_residue.auth_seq_id 
_pdbx_struct_mod_residue.PDB_ins_code 
_pdbx_struct_mod_residue.parent_comp_id 
_pdbx_struct_mod_residue.details 
1 A MSE 1  A MSE 151 ? MET SELENOMETHIONINE 
2 A MSE 35 A MSE 185 ? MET SELENOMETHIONINE 
3 A MSE 64 A MSE 214 ? MET SELENOMETHIONINE 
4 A MSE 65 A MSE 215 ? MET SELENOMETHIONINE 
# 
loop_
_chem_comp_atom.comp_id 
_chem_comp_atom.atom_id 
_chem_comp_atom.type_symbol 
_chem_comp_atom.pdbx_aromatic_flag 
_chem_comp_atom.pdbx_stereo_config 
_chem_comp_atom.pdbx_ordinal 
ALA N    N  N N 1   
ALA CA   C  N S 2   
ALA C    C  N N 3   
ALA O    O  N N 4   
ALA CB   C  N N 5   
ALA OXT  O  N N 6   
ALA H    H  N N 7   
ALA H2   H  N N 8   
ALA HA   H  N N 9   
ALA HB1  H  N N 10  
ALA HB2  H  N N 11  
ALA HB3  H  N N 12  
ALA HXT  H  N N 13  
ARG N    N  N N 14  
ARG CA   C  N S 15  
ARG C    C  N N 16  
ARG O    O  N N 17  
ARG CB   C  N N 18  
ARG CG   C  N N 19  
ARG CD   C  N N 20  
ARG NE   N  N N 21  
ARG CZ   C  N N 22  
ARG NH1  N  N N 23  
ARG NH2  N  N N 24  
ARG OXT  O  N N 25  
ARG H    H  N N 26  
ARG H2   H  N N 27  
ARG HA   H  N N 28  
ARG HB2  H  N N 29  
ARG HB3  H  N N 30  
ARG HG2  H  N N 31  
ARG HG3  H  N N 32  
ARG HD2  H  N N 33  
ARG HD3  H  N N 34  
ARG HE   H  N N 35  
ARG HH11 H  N N 36  
ARG HH12 H  N N 37  
ARG HH21 H  N N 38  
ARG HH22 H  N N 39  
ARG HXT  H  N N 40  
ASN N    N  N N 41  
ASN CA   C  N S 42  
ASN C    C  N N 43  
ASN O    O  N N 44  
ASN CB   C  N N 45  
ASN CG   C  N N 46  
ASN OD1  O  N N 47  
ASN ND2  N  N N 48  
ASN OXT  O  N N 49  
ASN H    H  N N 50  
ASN H2   H  N N 51  
ASN HA   H  N N 52  
ASN HB2  H  N N 53  
ASN HB3  H  N N 54  
ASN HD21 H  N N 55  
ASN HD22 H  N N 56  
ASN HXT  H  N N 57  
ASP N    N  N N 58  
ASP CA   C  N S 59  
ASP C    C  N N 60  
ASP O    O  N N 61  
ASP CB   C  N N 62  
ASP CG   C  N N 63  
ASP OD1  O  N N 64  
ASP OD2  O  N N 65  
ASP OXT  O  N N 66  
ASP H    H  N N 67  
ASP H2   H  N N 68  
ASP HA   H  N N 69  
ASP HB2  H  N N 70  
ASP HB3  H  N N 71  
ASP HD2  H  N N 72  
ASP HXT  H  N N 73  
CYS N    N  N N 74  
CYS CA   C  N R 75  
CYS C    C  N N 76  
CYS O    O  N N 77  
CYS CB   C  N N 78  
CYS SG   S  N N 79  
CYS OXT  O  N N 80  
CYS H    H  N N 81  
CYS H2   H  N N 82  
CYS HA   H  N N 83  
CYS HB2  H  N N 84  
CYS HB3  H  N N 85  
CYS HG   H  N N 86  
CYS HXT  H  N N 87  
GLN N    N  N N 88  
GLN CA   C  N S 89  
GLN C    C  N N 90  
GLN O    O  N N 91  
GLN CB   C  N N 92  
GLN CG   C  N N 93  
GLN CD   C  N N 94  
GLN OE1  O  N N 95  
GLN NE2  N  N N 96  
GLN OXT  O  N N 97  
GLN H    H  N N 98  
GLN H2   H  N N 99  
GLN HA   H  N N 100 
GLN HB2  H  N N 101 
GLN HB3  H  N N 102 
GLN HG2  H  N N 103 
GLN HG3  H  N N 104 
GLN HE21 H  N N 105 
GLN HE22 H  N N 106 
GLN HXT  H  N N 107 
GLU N    N  N N 108 
GLU CA   C  N S 109 
GLU C    C  N N 110 
GLU O    O  N N 111 
GLU CB   C  N N 112 
GLU CG   C  N N 113 
GLU CD   C  N N 114 
GLU OE1  O  N N 115 
GLU OE2  O  N N 116 
GLU OXT  O  N N 117 
GLU H    H  N N 118 
GLU H2   H  N N 119 
GLU HA   H  N N 120 
GLU HB2  H  N N 121 
GLU HB3  H  N N 122 
GLU HG2  H  N N 123 
GLU HG3  H  N N 124 
GLU HE2  H  N N 125 
GLU HXT  H  N N 126 
GLY N    N  N N 127 
GLY CA   C  N N 128 
GLY C    C  N N 129 
GLY O    O  N N 130 
GLY OXT  O  N N 131 
GLY H    H  N N 132 
GLY H2   H  N N 133 
GLY HA2  H  N N 134 
GLY HA3  H  N N 135 
GLY HXT  H  N N 136 
HOH O    O  N N 137 
HOH H1   H  N N 138 
HOH H2   H  N N 139 
ILE N    N  N N 140 
ILE CA   C  N S 141 
ILE C    C  N N 142 
ILE O    O  N N 143 
ILE CB   C  N S 144 
ILE CG1  C  N N 145 
ILE CG2  C  N N 146 
ILE CD1  C  N N 147 
ILE OXT  O  N N 148 
ILE H    H  N N 149 
ILE H2   H  N N 150 
ILE HA   H  N N 151 
ILE HB   H  N N 152 
ILE HG12 H  N N 153 
ILE HG13 H  N N 154 
ILE HG21 H  N N 155 
ILE HG22 H  N N 156 
ILE HG23 H  N N 157 
ILE HD11 H  N N 158 
ILE HD12 H  N N 159 
ILE HD13 H  N N 160 
ILE HXT  H  N N 161 
LEU N    N  N N 162 
LEU CA   C  N S 163 
LEU C    C  N N 164 
LEU O    O  N N 165 
LEU CB   C  N N 166 
LEU CG   C  N N 167 
LEU CD1  C  N N 168 
LEU CD2  C  N N 169 
LEU OXT  O  N N 170 
LEU H    H  N N 171 
LEU H2   H  N N 172 
LEU HA   H  N N 173 
LEU HB2  H  N N 174 
LEU HB3  H  N N 175 
LEU HG   H  N N 176 
LEU HD11 H  N N 177 
LEU HD12 H  N N 178 
LEU HD13 H  N N 179 
LEU HD21 H  N N 180 
LEU HD22 H  N N 181 
LEU HD23 H  N N 182 
LEU HXT  H  N N 183 
LYS N    N  N N 184 
LYS CA   C  N S 185 
LYS C    C  N N 186 
LYS O    O  N N 187 
LYS CB   C  N N 188 
LYS CG   C  N N 189 
LYS CD   C  N N 190 
LYS CE   C  N N 191 
LYS NZ   N  N N 192 
LYS OXT  O  N N 193 
LYS H    H  N N 194 
LYS H2   H  N N 195 
LYS HA   H  N N 196 
LYS HB2  H  N N 197 
LYS HB3  H  N N 198 
LYS HG2  H  N N 199 
LYS HG3  H  N N 200 
LYS HD2  H  N N 201 
LYS HD3  H  N N 202 
LYS HE2  H  N N 203 
LYS HE3  H  N N 204 
LYS HZ1  H  N N 205 
LYS HZ2  H  N N 206 
LYS HZ3  H  N N 207 
LYS HXT  H  N N 208 
MSE N    N  N N 209 
MSE CA   C  N S 210 
MSE C    C  N N 211 
MSE O    O  N N 212 
MSE OXT  O  N N 213 
MSE CB   C  N N 214 
MSE CG   C  N N 215 
MSE SE   SE N N 216 
MSE CE   C  N N 217 
MSE H    H  N N 218 
MSE H2   H  N N 219 
MSE HA   H  N N 220 
MSE HXT  H  N N 221 
MSE HB2  H  N N 222 
MSE HB3  H  N N 223 
MSE HG2  H  N N 224 
MSE HG3  H  N N 225 
MSE HE1  H  N N 226 
MSE HE2  H  N N 227 
MSE HE3  H  N N 228 
PHE N    N  N N 229 
PHE CA   C  N S 230 
PHE C    C  N N 231 
PHE O    O  N N 232 
PHE CB   C  N N 233 
PHE CG   C  Y N 234 
PHE CD1  C  Y N 235 
PHE CD2  C  Y N 236 
PHE CE1  C  Y N 237 
PHE CE2  C  Y N 238 
PHE CZ   C  Y N 239 
PHE OXT  O  N N 240 
PHE H    H  N N 241 
PHE H2   H  N N 242 
PHE HA   H  N N 243 
PHE HB2  H  N N 244 
PHE HB3  H  N N 245 
PHE HD1  H  N N 246 
PHE HD2  H  N N 247 
PHE HE1  H  N N 248 
PHE HE2  H  N N 249 
PHE HZ   H  N N 250 
PHE HXT  H  N N 251 
PRO N    N  N N 252 
PRO CA   C  N S 253 
PRO C    C  N N 254 
PRO O    O  N N 255 
PRO CB   C  N N 256 
PRO CG   C  N N 257 
PRO CD   C  N N 258 
PRO OXT  O  N N 259 
PRO H    H  N N 260 
PRO HA   H  N N 261 
PRO HB2  H  N N 262 
PRO HB3  H  N N 263 
PRO HG2  H  N N 264 
PRO HG3  H  N N 265 
PRO HD2  H  N N 266 
PRO HD3  H  N N 267 
PRO HXT  H  N N 268 
SER N    N  N N 269 
SER CA   C  N S 270 
SER C    C  N N 271 
SER O    O  N N 272 
SER CB   C  N N 273 
SER OG   O  N N 274 
SER OXT  O  N N 275 
SER H    H  N N 276 
SER H2   H  N N 277 
SER HA   H  N N 278 
SER HB2  H  N N 279 
SER HB3  H  N N 280 
SER HG   H  N N 281 
SER HXT  H  N N 282 
THR N    N  N N 283 
THR CA   C  N S 284 
THR C    C  N N 285 
THR O    O  N N 286 
THR CB   C  N R 287 
THR OG1  O  N N 288 
THR CG2  C  N N 289 
THR OXT  O  N N 290 
THR H    H  N N 291 
THR H2   H  N N 292 
THR HA   H  N N 293 
THR HB   H  N N 294 
THR HG1  H  N N 295 
THR HG21 H  N N 296 
THR HG22 H  N N 297 
THR HG23 H  N N 298 
THR HXT  H  N N 299 
TRP N    N  N N 300 
TRP CA   C  N S 301 
TRP C    C  N N 302 
TRP O    O  N N 303 
TRP CB   C  N N 304 
TRP CG   C  Y N 305 
TRP CD1  C  Y N 306 
TRP CD2  C  Y N 307 
TRP NE1  N  Y N 308 
TRP CE2  C  Y N 309 
TRP CE3  C  Y N 310 
TRP CZ2  C  Y N 311 
TRP CZ3  C  Y N 312 
TRP CH2  C  Y N 313 
TRP OXT  O  N N 314 
TRP H    H  N N 315 
TRP H2   H  N N 316 
TRP HA   H  N N 317 
TRP HB2  H  N N 318 
TRP HB3  H  N N 319 
TRP HD1  H  N N 320 
TRP HE1  H  N N 321 
TRP HE3  H  N N 322 
TRP HZ2  H  N N 323 
TRP HZ3  H  N N 324 
TRP HH2  H  N N 325 
TRP HXT  H  N N 326 
TYR N    N  N N 327 
TYR CA   C  N S 328 
TYR C    C  N N 329 
TYR O    O  N N 330 
TYR CB   C  N N 331 
TYR CG   C  Y N 332 
TYR CD1  C  Y N 333 
TYR CD2  C  Y N 334 
TYR CE1  C  Y N 335 
TYR CE2  C  Y N 336 
TYR CZ   C  Y N 337 
TYR OH   O  N N 338 
TYR OXT  O  N N 339 
TYR H    H  N N 340 
TYR H2   H  N N 341 
TYR HA   H  N N 342 
TYR HB2  H  N N 343 
TYR HB3  H  N N 344 
TYR HD1  H  N N 345 
TYR HD2  H  N N 346 
TYR HE1  H  N N 347 
TYR HE2  H  N N 348 
TYR HH   H  N N 349 
TYR HXT  H  N N 350 
VAL N    N  N N 351 
VAL CA   C  N S 352 
VAL C    C  N N 353 
VAL O    O  N N 354 
VAL CB   C  N N 355 
VAL CG1  C  N N 356 
VAL CG2  C  N N 357 
VAL OXT  O  N N 358 
VAL H    H  N N 359 
VAL H2   H  N N 360 
VAL HA   H  N N 361 
VAL HB   H  N N 362 
VAL HG11 H  N N 363 
VAL HG12 H  N N 364 
VAL HG13 H  N N 365 
VAL HG21 H  N N 366 
VAL HG22 H  N N 367 
VAL HG23 H  N N 368 
VAL HXT  H  N N 369 
# 
loop_
_chem_comp_bond.comp_id 
_chem_comp_bond.atom_id_1 
_chem_comp_bond.atom_id_2 
_chem_comp_bond.value_order 
_chem_comp_bond.pdbx_aromatic_flag 
_chem_comp_bond.pdbx_stereo_config 
_chem_comp_bond.pdbx_ordinal 
ALA N   CA   sing N N 1   
ALA N   H    sing N N 2   
ALA N   H2   sing N N 3   
ALA CA  C    sing N N 4   
ALA CA  CB   sing N N 5   
ALA CA  HA   sing N N 6   
ALA C   O    doub N N 7   
ALA C   OXT  sing N N 8   
ALA CB  HB1  sing N N 9   
ALA CB  HB2  sing N N 10  
ALA CB  HB3  sing N N 11  
ALA OXT HXT  sing N N 12  
ARG N   CA   sing N N 13  
ARG N   H    sing N N 14  
ARG N   H2   sing N N 15  
ARG CA  C    sing N N 16  
ARG CA  CB   sing N N 17  
ARG CA  HA   sing N N 18  
ARG C   O    doub N N 19  
ARG C   OXT  sing N N 20  
ARG CB  CG   sing N N 21  
ARG CB  HB2  sing N N 22  
ARG CB  HB3  sing N N 23  
ARG CG  CD   sing N N 24  
ARG CG  HG2  sing N N 25  
ARG CG  HG3  sing N N 26  
ARG CD  NE   sing N N 27  
ARG CD  HD2  sing N N 28  
ARG CD  HD3  sing N N 29  
ARG NE  CZ   sing N N 30  
ARG NE  HE   sing N N 31  
ARG CZ  NH1  sing N N 32  
ARG CZ  NH2  doub N N 33  
ARG NH1 HH11 sing N N 34  
ARG NH1 HH12 sing N N 35  
ARG NH2 HH21 sing N N 36  
ARG NH2 HH22 sing N N 37  
ARG OXT HXT  sing N N 38  
ASN N   CA   sing N N 39  
ASN N   H    sing N N 40  
ASN N   H2   sing N N 41  
ASN CA  C    sing N N 42  
ASN CA  CB   sing N N 43  
ASN CA  HA   sing N N 44  
ASN C   O    doub N N 45  
ASN C   OXT  sing N N 46  
ASN CB  CG   sing N N 47  
ASN CB  HB2  sing N N 48  
ASN CB  HB3  sing N N 49  
ASN CG  OD1  doub N N 50  
ASN CG  ND2  sing N N 51  
ASN ND2 HD21 sing N N 52  
ASN ND2 HD22 sing N N 53  
ASN OXT HXT  sing N N 54  
ASP N   CA   sing N N 55  
ASP N   H    sing N N 56  
ASP N   H2   sing N N 57  
ASP CA  C    sing N N 58  
ASP CA  CB   sing N N 59  
ASP CA  HA   sing N N 60  
ASP C   O    doub N N 61  
ASP C   OXT  sing N N 62  
ASP CB  CG   sing N N 63  
ASP CB  HB2  sing N N 64  
ASP CB  HB3  sing N N 65  
ASP CG  OD1  doub N N 66  
ASP CG  OD2  sing N N 67  
ASP OD2 HD2  sing N N 68  
ASP OXT HXT  sing N N 69  
CYS N   CA   sing N N 70  
CYS N   H    sing N N 71  
CYS N   H2   sing N N 72  
CYS CA  C    sing N N 73  
CYS CA  CB   sing N N 74  
CYS CA  HA   sing N N 75  
CYS C   O    doub N N 76  
CYS C   OXT  sing N N 77  
CYS CB  SG   sing N N 78  
CYS CB  HB2  sing N N 79  
CYS CB  HB3  sing N N 80  
CYS SG  HG   sing N N 81  
CYS OXT HXT  sing N N 82  
GLN N   CA   sing N N 83  
GLN N   H    sing N N 84  
GLN N   H2   sing N N 85  
GLN CA  C    sing N N 86  
GLN CA  CB   sing N N 87  
GLN CA  HA   sing N N 88  
GLN C   O    doub N N 89  
GLN C   OXT  sing N N 90  
GLN CB  CG   sing N N 91  
GLN CB  HB2  sing N N 92  
GLN CB  HB3  sing N N 93  
GLN CG  CD   sing N N 94  
GLN CG  HG2  sing N N 95  
GLN CG  HG3  sing N N 96  
GLN CD  OE1  doub N N 97  
GLN CD  NE2  sing N N 98  
GLN NE2 HE21 sing N N 99  
GLN NE2 HE22 sing N N 100 
GLN OXT HXT  sing N N 101 
GLU N   CA   sing N N 102 
GLU N   H    sing N N 103 
GLU N   H2   sing N N 104 
GLU CA  C    sing N N 105 
GLU CA  CB   sing N N 106 
GLU CA  HA   sing N N 107 
GLU C   O    doub N N 108 
GLU C   OXT  sing N N 109 
GLU CB  CG   sing N N 110 
GLU CB  HB2  sing N N 111 
GLU CB  HB3  sing N N 112 
GLU CG  CD   sing N N 113 
GLU CG  HG2  sing N N 114 
GLU CG  HG3  sing N N 115 
GLU CD  OE1  doub N N 116 
GLU CD  OE2  sing N N 117 
GLU OE2 HE2  sing N N 118 
GLU OXT HXT  sing N N 119 
GLY N   CA   sing N N 120 
GLY N   H    sing N N 121 
GLY N   H2   sing N N 122 
GLY CA  C    sing N N 123 
GLY CA  HA2  sing N N 124 
GLY CA  HA3  sing N N 125 
GLY C   O    doub N N 126 
GLY C   OXT  sing N N 127 
GLY OXT HXT  sing N N 128 
HOH O   H1   sing N N 129 
HOH O   H2   sing N N 130 
ILE N   CA   sing N N 131 
ILE N   H    sing N N 132 
ILE N   H2   sing N N 133 
ILE CA  C    sing N N 134 
ILE CA  CB   sing N N 135 
ILE CA  HA   sing N N 136 
ILE C   O    doub N N 137 
ILE C   OXT  sing N N 138 
ILE CB  CG1  sing N N 139 
ILE CB  CG2  sing N N 140 
ILE CB  HB   sing N N 141 
ILE CG1 CD1  sing N N 142 
ILE CG1 HG12 sing N N 143 
ILE CG1 HG13 sing N N 144 
ILE CG2 HG21 sing N N 145 
ILE CG2 HG22 sing N N 146 
ILE CG2 HG23 sing N N 147 
ILE CD1 HD11 sing N N 148 
ILE CD1 HD12 sing N N 149 
ILE CD1 HD13 sing N N 150 
ILE OXT HXT  sing N N 151 
LEU N   CA   sing N N 152 
LEU N   H    sing N N 153 
LEU N   H2   sing N N 154 
LEU CA  C    sing N N 155 
LEU CA  CB   sing N N 156 
LEU CA  HA   sing N N 157 
LEU C   O    doub N N 158 
LEU C   OXT  sing N N 159 
LEU CB  CG   sing N N 160 
LEU CB  HB2  sing N N 161 
LEU CB  HB3  sing N N 162 
LEU CG  CD1  sing N N 163 
LEU CG  CD2  sing N N 164 
LEU CG  HG   sing N N 165 
LEU CD1 HD11 sing N N 166 
LEU CD1 HD12 sing N N 167 
LEU CD1 HD13 sing N N 168 
LEU CD2 HD21 sing N N 169 
LEU CD2 HD22 sing N N 170 
LEU CD2 HD23 sing N N 171 
LEU OXT HXT  sing N N 172 
LYS N   CA   sing N N 173 
LYS N   H    sing N N 174 
LYS N   H2   sing N N 175 
LYS CA  C    sing N N 176 
LYS CA  CB   sing N N 177 
LYS CA  HA   sing N N 178 
LYS C   O    doub N N 179 
LYS C   OXT  sing N N 180 
LYS CB  CG   sing N N 181 
LYS CB  HB2  sing N N 182 
LYS CB  HB3  sing N N 183 
LYS CG  CD   sing N N 184 
LYS CG  HG2  sing N N 185 
LYS CG  HG3  sing N N 186 
LYS CD  CE   sing N N 187 
LYS CD  HD2  sing N N 188 
LYS CD  HD3  sing N N 189 
LYS CE  NZ   sing N N 190 
LYS CE  HE2  sing N N 191 
LYS CE  HE3  sing N N 192 
LYS NZ  HZ1  sing N N 193 
LYS NZ  HZ2  sing N N 194 
LYS NZ  HZ3  sing N N 195 
LYS OXT HXT  sing N N 196 
MSE N   CA   sing N N 197 
MSE N   H    sing N N 198 
MSE N   H2   sing N N 199 
MSE CA  C    sing N N 200 
MSE CA  CB   sing N N 201 
MSE CA  HA   sing N N 202 
MSE C   O    doub N N 203 
MSE C   OXT  sing N N 204 
MSE OXT HXT  sing N N 205 
MSE CB  CG   sing N N 206 
MSE CB  HB2  sing N N 207 
MSE CB  HB3  sing N N 208 
MSE CG  SE   sing N N 209 
MSE CG  HG2  sing N N 210 
MSE CG  HG3  sing N N 211 
MSE SE  CE   sing N N 212 
MSE CE  HE1  sing N N 213 
MSE CE  HE2  sing N N 214 
MSE CE  HE3  sing N N 215 
PHE N   CA   sing N N 216 
PHE N   H    sing N N 217 
PHE N   H2   sing N N 218 
PHE CA  C    sing N N 219 
PHE CA  CB   sing N N 220 
PHE CA  HA   sing N N 221 
PHE C   O    doub N N 222 
PHE C   OXT  sing N N 223 
PHE CB  CG   sing N N 224 
PHE CB  HB2  sing N N 225 
PHE CB  HB3  sing N N 226 
PHE CG  CD1  doub Y N 227 
PHE CG  CD2  sing Y N 228 
PHE CD1 CE1  sing Y N 229 
PHE CD1 HD1  sing N N 230 
PHE CD2 CE2  doub Y N 231 
PHE CD2 HD2  sing N N 232 
PHE CE1 CZ   doub Y N 233 
PHE CE1 HE1  sing N N 234 
PHE CE2 CZ   sing Y N 235 
PHE CE2 HE2  sing N N 236 
PHE CZ  HZ   sing N N 237 
PHE OXT HXT  sing N N 238 
PRO N   CA   sing N N 239 
PRO N   CD   sing N N 240 
PRO N   H    sing N N 241 
PRO CA  C    sing N N 242 
PRO CA  CB   sing N N 243 
PRO CA  HA   sing N N 244 
PRO C   O    doub N N 245 
PRO C   OXT  sing N N 246 
PRO CB  CG   sing N N 247 
PRO CB  HB2  sing N N 248 
PRO CB  HB3  sing N N 249 
PRO CG  CD   sing N N 250 
PRO CG  HG2  sing N N 251 
PRO CG  HG3  sing N N 252 
PRO CD  HD2  sing N N 253 
PRO CD  HD3  sing N N 254 
PRO OXT HXT  sing N N 255 
SER N   CA   sing N N 256 
SER N   H    sing N N 257 
SER N   H2   sing N N 258 
SER CA  C    sing N N 259 
SER CA  CB   sing N N 260 
SER CA  HA   sing N N 261 
SER C   O    doub N N 262 
SER C   OXT  sing N N 263 
SER CB  OG   sing N N 264 
SER CB  HB2  sing N N 265 
SER CB  HB3  sing N N 266 
SER OG  HG   sing N N 267 
SER OXT HXT  sing N N 268 
THR N   CA   sing N N 269 
THR N   H    sing N N 270 
THR N   H2   sing N N 271 
THR CA  C    sing N N 272 
THR CA  CB   sing N N 273 
THR CA  HA   sing N N 274 
THR C   O    doub N N 275 
THR C   OXT  sing N N 276 
THR CB  OG1  sing N N 277 
THR CB  CG2  sing N N 278 
THR CB  HB   sing N N 279 
THR OG1 HG1  sing N N 280 
THR CG2 HG21 sing N N 281 
THR CG2 HG22 sing N N 282 
THR CG2 HG23 sing N N 283 
THR OXT HXT  sing N N 284 
TRP N   CA   sing N N 285 
TRP N   H    sing N N 286 
TRP N   H2   sing N N 287 
TRP CA  C    sing N N 288 
TRP CA  CB   sing N N 289 
TRP CA  HA   sing N N 290 
TRP C   O    doub N N 291 
TRP C   OXT  sing N N 292 
TRP CB  CG   sing N N 293 
TRP CB  HB2  sing N N 294 
TRP CB  HB3  sing N N 295 
TRP CG  CD1  doub Y N 296 
TRP CG  CD2  sing Y N 297 
TRP CD1 NE1  sing Y N 298 
TRP CD1 HD1  sing N N 299 
TRP CD2 CE2  doub Y N 300 
TRP CD2 CE3  sing Y N 301 
TRP NE1 CE2  sing Y N 302 
TRP NE1 HE1  sing N N 303 
TRP CE2 CZ2  sing Y N 304 
TRP CE3 CZ3  doub Y N 305 
TRP CE3 HE3  sing N N 306 
TRP CZ2 CH2  doub Y N 307 
TRP CZ2 HZ2  sing N N 308 
TRP CZ3 CH2  sing Y N 309 
TRP CZ3 HZ3  sing N N 310 
TRP CH2 HH2  sing N N 311 
TRP OXT HXT  sing N N 312 
TYR N   CA   sing N N 313 
TYR N   H    sing N N 314 
TYR N   H2   sing N N 315 
TYR CA  C    sing N N 316 
TYR CA  CB   sing N N 317 
TYR CA  HA   sing N N 318 
TYR C   O    doub N N 319 
TYR C   OXT  sing N N 320 
TYR CB  CG   sing N N 321 
TYR CB  HB2  sing N N 322 
TYR CB  HB3  sing N N 323 
TYR CG  CD1  doub Y N 324 
TYR CG  CD2  sing Y N 325 
TYR CD1 CE1  sing Y N 326 
TYR CD1 HD1  sing N N 327 
TYR CD2 CE2  doub Y N 328 
TYR CD2 HD2  sing N N 329 
TYR CE1 CZ   doub Y N 330 
TYR CE1 HE1  sing N N 331 
TYR CE2 CZ   sing Y N 332 
TYR CE2 HE2  sing N N 333 
TYR CZ  OH   sing N N 334 
TYR OH  HH   sing N N 335 
TYR OXT HXT  sing N N 336 
VAL N   CA   sing N N 337 
VAL N   H    sing N N 338 
VAL N   H2   sing N N 339 
VAL CA  C    sing N N 340 
VAL CA  CB   sing N N 341 
VAL CA  HA   sing N N 342 
VAL C   O    doub N N 343 
VAL C   OXT  sing N N 344 
VAL CB  CG1  sing N N 345 
VAL CB  CG2  sing N N 346 
VAL CB  HB   sing N N 347 
VAL CG1 HG11 sing N N 348 
VAL CG1 HG12 sing N N 349 
VAL CG1 HG13 sing N N 350 
VAL CG2 HG21 sing N N 351 
VAL CG2 HG22 sing N N 352 
VAL CG2 HG23 sing N N 353 
VAL OXT HXT  sing N N 354 
# 
_atom_sites.entry_id                    1A8O 
_atom_sites.fract_transf_matrix[1][1]   0.00371642 
_atom_sites.fract_transf_matrix[1][2]   -0.00804548 
_atom_sites.fract_transf_matrix[1][3]   0.02211105 
_atom_sites.fract_transf_matrix[2][1]   0.00811785 
_atom_sites.fract_transf_matrix[2][2]   -0.02057226 
_atom_sites.fract_transf_matrix[2][3]   -0.00885001 
_atom_sites.fract_transf_matrix[3][1]   0.01042623 
_atom_sites.fract_transf_matrix[3][2]   0.00420921 
_atom_sites.fract_transf_matrix[3][3]   -0.00022085 
_atom_sites.fract_transf_vector[1]      0.437699 
_atom_sites.fract_transf_vector[2]      0.858607 
_atom_sites.fract_transf_vector[3]      0.179091 
# 
loop_
_atom_type.symbol 
C  
N  
O  
S  
SE 
# 
loop_
_atom_site.group_PDB 
_atom_site.id 
_atom_site.type_symbol 
_atom_site.label_atom_id 
_atom_site.label_alt_id 
_atom_site.label_comp_id 
_atom_site.label_asym_id 
_atom_site.label_entity_id 
_atom_site.label_seq_id 
_atom_site.pdbx_PDB_ins_code 
_atom_site.Cartn_x 
_atom_site.Cartn_y 
_atom_site.Cartn_z 
_atom_site.occupancy 
_atom_site.B_iso_or_equiv 
_atom_site.pdbx_formal_charge 
_atom_site.auth_seq_id 
_atom_site.auth_comp_id 
_atom_site.auth_asym_id 
_atom_site.auth_atom_id 
_atom_site.pdbx_PDB_model_num 
HETATM 1   N  N   . MSE A 1 1  ? 10.143  7.288   2.261   1.00 18.03 ? 151  MSE A N   1 
HETATM 2   C  CA  . MSE A 1 1  ? 9.457   6.011   2.624   1.00 18.64 ? 151  MSE A CA  1 
HETATM 3   C  C   . MSE A 1 1  ? 10.344  4.872   2.163   1.00 18.46 ? 151  MSE A C   1 
HETATM 4   O  O   . MSE A 1 1  ? 10.427  4.568   0.973   1.00 19.71 ? 151  MSE A O   1 
HETATM 5   C  CB  . MSE A 1 1  ? 8.074   5.930   1.967   1.00 16.30 ? 151  MSE A CB  1 
HETATM 6   C  CG  . MSE A 1 1  ? 7.303   4.635   2.234   1.00 17.46 ? 151  MSE A CG  1 
HETATM 7   SE SE  . MSE A 1 1  ? 6.984   4.265   3.980   1.00 19.31 ? 151  MSE A SE  1 
HETATM 8   C  CE  . MSE A 1 1  ? 5.493   5.247   4.271   1.00 18.23 ? 151  MSE A CE  1 
ATOM   9   N  N   . ASP A 1 2  ? 11.033  4.272   3.126   1.00 19.26 ? 152  ASP A N   1 
ATOM   10  C  CA  . ASP A 1 2  ? 11.958  3.178   2.875   1.00 20.88 ? 152  ASP A CA  1 
ATOM   11  C  C   . ASP A 1 2  ? 11.261  1.835   2.624   1.00 19.01 ? 152  ASP A C   1 
ATOM   12  O  O   . ASP A 1 2  ? 11.797  0.970   1.929   1.00 18.04 ? 152  ASP A O   1 
ATOM   13  C  CB  . ASP A 1 2  ? 12.916  3.062   4.062   1.00 23.68 ? 152  ASP A CB  1 
ATOM   14  C  CG  . ASP A 1 2  ? 14.309  2.652   3.649   1.00 28.51 ? 152  ASP A CG  1 
ATOM   15  O  OD1 . ASP A 1 2  ? 14.553  1.433   3.525   1.00 31.95 ? 152  ASP A OD1 1 
ATOM   16  O  OD2 . ASP A 1 2  ? 15.162  3.546   3.455   1.00 28.49 ? 152  ASP A OD2 1 
ATOM   17  N  N   . ILE A 1 3  ? 10.058  1.684   3.175   1.00 16.79 ? 153  ILE A N   1 
ATOM   18  C  CA  . ILE A 1 3  ? 9.274   0.453   3.048   1.00 15.93 ? 153  ILE A CA  1 
ATOM   19  C  C   . ILE A 1 3  ? 8.882   0.098   1.608   1.00 14.17 ? 153  ILE A C   1 
ATOM   20  O  O   . ILE A 1 3  ? 8.237   0.887   0.920   1.00 12.57 ? 153  ILE A O   1 
ATOM   21  C  CB  . ILE A 1 3  ? 7.976   0.531   3.903   1.00 16.32 ? 153  ILE A CB  1 
ATOM   22  C  CG1 . ILE A 1 3  ? 8.291   0.995   5.333   1.00 17.00 ? 153  ILE A CG1 1 
ATOM   23  C  CG2 . ILE A 1 3  ? 7.267   -0.816  3.920   1.00 15.06 ? 153  ILE A CG2 1 
ATOM   24  C  CD1 . ILE A 1 3  ? 9.280   0.123   6.085   1.00 15.40 ? 153  ILE A CD1 1 
ATOM   25  N  N   . ARG A 1 4  ? 9.286   -1.095  1.171   1.00 13.09 ? 154  ARG A N   1 
ATOM   26  C  CA  . ARG A 1 4  ? 8.979   -1.620  -0.161  1.00 11.56 ? 154  ARG A CA  1 
ATOM   27  C  C   . ARG A 1 4  ? 8.610   -3.089  0.005   1.00 12.66 ? 154  ARG A C   1 
ATOM   28  O  O   . ARG A 1 4  ? 9.267   -3.812  0.750   1.00 12.82 ? 154  ARG A O   1 
ATOM   29  C  CB  . ARG A 1 4  ? 10.182  -1.486  -1.100  1.00 12.01 ? 154  ARG A CB  1 
ATOM   30  C  CG  . ARG A 1 4  ? 10.527  -0.047  -1.410  1.00 13.52 ? 154  ARG A CG  1 
ATOM   31  C  CD  . ARG A 1 4  ? 11.719  0.091   -2.328  1.00 14.47 ? 154  ARG A CD  1 
ATOM   32  N  NE  . ARG A 1 4  ? 12.030  1.503   -2.508  1.00 16.22 ? 154  ARG A NE  1 
ATOM   33  C  CZ  . ARG A 1 4  ? 11.460  2.296   -3.411  1.00 17.81 ? 154  ARG A CZ  1 
ATOM   34  N  NH1 . ARG A 1 4  ? 10.550  1.817   -4.253  1.00 18.16 ? 154  ARG A NH1 1 
ATOM   35  N  NH2 . ARG A 1 4  ? 11.741  3.593   -3.414  1.00 19.78 ? 154  ARG A NH2 1 
ATOM   36  N  N   . GLN A 1 5  ? 7.556   -3.527  -0.677  1.00 13.22 ? 155  GLN A N   1 
ATOM   37  C  CA  . GLN A 1 5  ? 7.100   -4.913  -0.569  1.00 13.79 ? 155  GLN A CA  1 
ATOM   38  C  C   . GLN A 1 5  ? 8.061   -5.926  -1.172  1.00 15.08 ? 155  GLN A C   1 
ATOM   39  O  O   . GLN A 1 5  ? 8.453   -5.804  -2.333  1.00 14.99 ? 155  GLN A O   1 
ATOM   40  C  CB  . GLN A 1 5  ? 5.737   -5.075  -1.235  1.00 13.29 ? 155  GLN A CB  1 
ATOM   41  C  CG  . GLN A 1 5  ? 5.115   -6.457  -1.043  1.00 13.01 ? 155  GLN A CG  1 
ATOM   42  C  CD  . GLN A 1 5  ? 3.818   -6.621  -1.810  1.00 14.60 ? 155  GLN A CD  1 
ATOM   43  O  OE1 . GLN A 1 5  ? 3.529   -5.858  -2.735  1.00 14.77 ? 155  GLN A OE1 1 
ATOM   44  N  NE2 . GLN A 1 5  ? 3.029   -7.620  -1.434  1.00 14.24 ? 155  GLN A NE2 1 
ATOM   45  N  N   . GLY A 1 6  ? 8.431   -6.931  -0.383  1.00 16.52 ? 156  GLY A N   1 
ATOM   46  C  CA  . GLY A 1 6  ? 9.316   -7.966  -0.884  1.00 18.25 ? 156  GLY A CA  1 
ATOM   47  C  C   . GLY A 1 6  ? 8.600   -8.771  -1.960  1.00 20.82 ? 156  GLY A C   1 
ATOM   48  O  O   . GLY A 1 6  ? 7.370   -8.872  -1.930  1.00 20.23 ? 156  GLY A O   1 
ATOM   49  N  N   . PRO A 1 7  ? 9.330   -9.340  -2.935  1.00 22.32 ? 157  PRO A N   1 
ATOM   50  C  CA  . PRO A 1 7  ? 8.710   -10.130 -4.007  1.00 22.62 ? 157  PRO A CA  1 
ATOM   51  C  C   . PRO A 1 7  ? 7.867   -11.312 -3.517  1.00 22.59 ? 157  PRO A C   1 
ATOM   52  O  O   . PRO A 1 7  ? 6.973   -11.768 -4.228  1.00 24.55 ? 157  PRO A O   1 
ATOM   53  C  CB  . PRO A 1 7  ? 9.910   -10.577 -4.848  1.00 22.00 ? 157  PRO A CB  1 
ATOM   54  C  CG  . PRO A 1 7  ? 11.066  -10.537 -3.883  1.00 24.33 ? 157  PRO A CG  1 
ATOM   55  C  CD  . PRO A 1 7  ? 10.791  -9.274  -3.114  1.00 24.26 ? 157  PRO A CD  1 
ATOM   56  N  N   . LYS A 1 8  ? 8.148   -11.797 -2.310  1.00 21.24 ? 158  LYS A N   1 
ATOM   57  C  CA  . LYS A 1 8  ? 7.398   -12.911 -1.729  1.00 22.20 ? 158  LYS A CA  1 
ATOM   58  C  C   . LYS A 1 8  ? 6.730   -12.541 -0.403  1.00 20.51 ? 158  LYS A C   1 
ATOM   59  O  O   . LYS A 1 8  ? 6.211   -13.408 0.305   1.00 19.41 ? 158  LYS A O   1 
ATOM   60  C  CB  . LYS A 1 8  ? 8.299   -14.137 -1.529  1.00 23.18 ? 158  LYS A CB  1 
ATOM   61  C  CG  . LYS A 1 8  ? 8.773   -14.775 -2.819  1.00 26.02 ? 158  LYS A CG  1 
ATOM   62  C  CD  . LYS A 1 8  ? 7.601   -15.165 -3.713  1.00 30.06 ? 158  LYS A CD  1 
ATOM   63  C  CE  . LYS A 1 8  ? 8.084   -15.565 -5.100  1.00 32.44 ? 158  LYS A CE  1 
ATOM   64  N  NZ  . LYS A 1 8  ? 6.971   -15.886 -6.029  1.00 35.60 ? 158  LYS A NZ  1 
ATOM   65  N  N   . GLU A 1 9  ? 6.736   -11.250 -0.079  1.00 19.34 ? 159  GLU A N   1 
ATOM   66  C  CA  . GLU A 1 9  ? 6.133   -10.758 1.155   1.00 17.36 ? 159  GLU A CA  1 
ATOM   67  C  C   . GLU A 1 9  ? 4.632   -10.541 0.976   1.00 16.62 ? 159  GLU A C   1 
ATOM   68  O  O   . GLU A 1 9  ? 4.211   -9.874  0.034   1.00 16.13 ? 159  GLU A O   1 
ATOM   69  C  CB  . GLU A 1 9  ? 6.787   -9.440  1.577   1.00 16.25 ? 159  GLU A CB  1 
ATOM   70  C  CG  . GLU A 1 9  ? 6.220   -8.855  2.873   1.00 15.36 ? 159  GLU A CG  1 
ATOM   71  C  CD  . GLU A 1 9  ? 6.692   -7.436  3.154   1.00 16.29 ? 159  GLU A CD  1 
ATOM   72  O  OE1 . GLU A 1 9  ? 7.216   -6.766  2.236   1.00 15.50 ? 159  GLU A OE1 1 
ATOM   73  O  OE2 . GLU A 1 9  ? 6.527   -6.985  4.305   1.00 15.09 ? 159  GLU A OE2 1 
ATOM   74  N  N   . PRO A 1 10 ? 3.806   -11.117 1.870   1.00 17.27 ? 160  PRO A N   1 
ATOM   75  C  CA  . PRO A 1 10 ? 2.350   -10.954 1.776   1.00 16.68 ? 160  PRO A CA  1 
ATOM   76  C  C   . PRO A 1 10 ? 2.012   -9.464  1.826   1.00 15.39 ? 160  PRO A C   1 
ATOM   77  O  O   . PRO A 1 10 ? 2.648   -8.709  2.566   1.00 14.31 ? 160  PRO A O   1 
ATOM   78  C  CB  . PRO A 1 10 ? 1.848   -11.682 3.024   1.00 16.98 ? 160  PRO A CB  1 
ATOM   79  C  CG  . PRO A 1 10 ? 2.875   -12.766 3.212   1.00 17.40 ? 160  PRO A CG  1 
ATOM   80  C  CD  . PRO A 1 10 ? 4.166   -12.015 2.984   1.00 17.24 ? 160  PRO A CD  1 
ATOM   81  N  N   . PHE A 1 11 ? 1.035   -9.042  1.028   1.00 13.37 ? 161  PHE A N   1 
ATOM   82  C  CA  . PHE A 1 11 ? 0.638   -7.637  0.977   1.00 12.78 ? 161  PHE A CA  1 
ATOM   83  C  C   . PHE A 1 11 ? 0.277   -7.036  2.339   1.00 12.00 ? 161  PHE A C   1 
ATOM   84  O  O   . PHE A 1 11 ? 0.672   -5.912  2.642   1.00 10.69 ? 161  PHE A O   1 
ATOM   85  C  CB  . PHE A 1 11 ? -0.515  -7.432  -0.012  1.00 11.13 ? 161  PHE A CB  1 
ATOM   86  C  CG  . PHE A 1 11 ? -0.823  -5.987  -0.290  1.00 10.56 ? 161  PHE A CG  1 
ATOM   87  C  CD1 . PHE A 1 11 ? 0.089   -5.188  -0.977  1.00 13.40 ? 161  PHE A CD1 1 
ATOM   88  C  CD2 . PHE A 1 11 ? -2.020  -5.420  0.139   1.00 11.57 ? 161  PHE A CD2 1 
ATOM   89  C  CE1 . PHE A 1 11 ? -0.185  -3.841  -1.237  1.00 11.25 ? 161  PHE A CE1 1 
ATOM   90  C  CE2 . PHE A 1 11 ? -2.306  -4.077  -0.114  1.00 11.84 ? 161  PHE A CE2 1 
ATOM   91  C  CZ  . PHE A 1 11 ? -1.385  -3.286  -0.803  1.00 12.92 ? 161  PHE A CZ  1 
ATOM   92  N  N   . ARG A 1 12 ? -0.459  -7.789  3.154   1.00 11.87 ? 162  ARG A N   1 
ATOM   93  C  CA  . ARG A 1 12 ? -0.865  -7.324  4.478   1.00 12.70 ? 162  ARG A CA  1 
ATOM   94  C  C   . ARG A 1 12 ? 0.339   -7.011  5.379   1.00 13.20 ? 162  ARG A C   1 
ATOM   95  O  O   . ARG A 1 12 ? 0.315   -6.042  6.134   1.00 13.83 ? 162  ARG A O   1 
ATOM   96  C  CB  . ARG A 1 12 ? -1.798  -8.349  5.139   1.00 13.94 ? 162  ARG A CB  1 
ATOM   97  C  CG  . ARG A 1 12 ? -2.265  -7.967  6.534   1.00 18.61 ? 162  ARG A CG  1 
ATOM   98  C  CD  . ARG A 1 12 ? -3.016  -6.639  6.538   1.00 22.34 ? 162  ARG A CD  1 
ATOM   99  N  NE  . ARG A 1 12 ? -3.001  -6.017  7.861   1.00 25.22 ? 162  ARG A NE  1 
ATOM   100 C  CZ  . ARG A 1 12 ? -3.827  -6.332  8.856   1.00 26.94 ? 162  ARG A CZ  1 
ATOM   101 N  NH1 . ARG A 1 12 ? -4.752  -7.268  8.691   1.00 24.70 ? 162  ARG A NH1 1 
ATOM   102 N  NH2 . ARG A 1 12 ? -3.714  -5.717  10.023  1.00 27.37 ? 162  ARG A NH2 1 
ATOM   103 N  N   . ASP A 1 13 ? 1.392   -7.820  5.283   1.00 13.70 ? 163  ASP A N   1 
ATOM   104 C  CA  . ASP A 1 13 ? 2.606   -7.611  6.079   1.00 14.57 ? 163  ASP A CA  1 
ATOM   105 C  C   . ASP A 1 13 ? 3.310   -6.319  5.660   1.00 13.66 ? 163  ASP A C   1 
ATOM   106 O  O   . ASP A 1 13 ? 3.809   -5.566  6.498   1.00 11.59 ? 163  ASP A O   1 
ATOM   107 C  CB  . ASP A 1 13 ? 3.552   -8.808  5.930   1.00 17.17 ? 163  ASP A CB  1 
ATOM   108 C  CG  . ASP A 1 13 ? 2.999   -10.078 6.571   1.00 20.18 ? 163  ASP A CG  1 
ATOM   109 O  OD1 . ASP A 1 13 ? 1.966   -10.008 7.275   1.00 22.06 ? 163  ASP A OD1 1 
ATOM   110 O  OD2 . ASP A 1 13 ? 3.604   -11.149 6.375   1.00 22.56 ? 163  ASP A OD2 1 
ATOM   111 N  N   . TYR A 1 14 ? 3.343   -6.082  4.354   1.00 12.63 ? 164  TYR A N   1 
ATOM   112 C  CA  . TYR A 1 14 ? 3.936   -4.883  3.785   1.00 11.74 ? 164  TYR A CA  1 
ATOM   113 C  C   . TYR A 1 14 ? 3.109   -3.672  4.229   1.00 11.75 ? 164  TYR A C   1 
ATOM   114 O  O   . TYR A 1 14 ? 3.663   -2.650  4.630   1.00 9.99  ? 164  TYR A O   1 
ATOM   115 C  CB  . TYR A 1 14 ? 3.973   -5.023  2.258   1.00 11.53 ? 164  TYR A CB  1 
ATOM   116 C  CG  . TYR A 1 14 ? 4.038   -3.730  1.470   1.00 11.87 ? 164  TYR A CG  1 
ATOM   117 C  CD1 . TYR A 1 14 ? 5.072   -2.811  1.661   1.00 11.82 ? 164  TYR A CD1 1 
ATOM   118 C  CD2 . TYR A 1 14 ? 3.071   -3.442  0.509   1.00 11.91 ? 164  TYR A CD2 1 
ATOM   119 C  CE1 . TYR A 1 14 ? 5.136   -1.638  0.907   1.00 12.21 ? 164  TYR A CE1 1 
ATOM   120 C  CE2 . TYR A 1 14 ? 3.125   -2.283  -0.243  1.00 11.96 ? 164  TYR A CE2 1 
ATOM   121 C  CZ  . TYR A 1 14 ? 4.154   -1.386  -0.044  1.00 13.17 ? 164  TYR A CZ  1 
ATOM   122 O  OH  . TYR A 1 14 ? 4.187   -0.241  -0.802  1.00 13.72 ? 164  TYR A OH  1 
ATOM   123 N  N   . VAL A 1 15 ? 1.785   -3.816  4.199   1.00 11.70 ? 165  VAL A N   1 
ATOM   124 C  CA  . VAL A 1 15 ? 0.872   -2.749  4.612   1.00 11.32 ? 165  VAL A CA  1 
ATOM   125 C  C   . VAL A 1 15 ? 1.151   -2.335  6.054   1.00 10.85 ? 165  VAL A C   1 
ATOM   126 O  O   . VAL A 1 15 ? 1.215   -1.144  6.359   1.00 10.90 ? 165  VAL A O   1 
ATOM   127 C  CB  . VAL A 1 15 ? -0.611  -3.189  4.466   1.00 12.32 ? 165  VAL A CB  1 
ATOM   128 C  CG1 . VAL A 1 15 ? -1.544  -2.198  5.155   1.00 13.01 ? 165  VAL A CG1 1 
ATOM   129 C  CG2 . VAL A 1 15 ? -0.971  -3.294  3.000   1.00 11.97 ? 165  VAL A CG2 1 
ATOM   130 N  N   . ASP A 1 16 ? 1.349   -3.319  6.928   1.00 10.27 ? 166  ASP A N   1 
ATOM   131 C  CA  . ASP A 1 16 ? 1.632   -3.035  8.331   1.00 13.05 ? 166  ASP A CA  1 
ATOM   132 C  C   . ASP A 1 16 ? 2.963   -2.300  8.508   1.00 11.81 ? 166  ASP A C   1 
ATOM   133 O  O   . ASP A 1 16 ? 3.047   -1.356  9.284   1.00 13.34 ? 166  ASP A O   1 
ATOM   134 C  CB  . ASP A 1 16 ? 1.600   -4.319  9.171   1.00 14.35 ? 166  ASP A CB  1 
ATOM   135 C  CG  . ASP A 1 16 ? 0.187   -4.888  9.339   1.00 18.81 ? 166  ASP A CG  1 
ATOM   136 O  OD1 . ASP A 1 16 ? -0.809  -4.212  8.990   1.00 18.59 ? 166  ASP A OD1 1 
ATOM   137 O  OD2 . ASP A 1 16 ? 0.074   -6.031  9.827   1.00 21.71 ? 166  ASP A OD2 1 
ATOM   138 N  N   . ARG A 1 17 ? 3.996   -2.714  7.780   1.00 13.13 ? 167  ARG A N   1 
ATOM   139 C  CA  . ARG A 1 17 ? 5.293   -2.042  7.877   1.00 13.19 ? 167  ARG A CA  1 
ATOM   140 C  C   . ARG A 1 17 ? 5.157   -0.604  7.385   1.00 12.86 ? 167  ARG A C   1 
ATOM   141 O  O   . ARG A 1 17 ? 5.640   0.331   8.018   1.00 14.45 ? 167  ARG A O   1 
ATOM   142 C  CB  . ARG A 1 17 ? 6.354   -2.777  7.052   1.00 13.10 ? 167  ARG A CB  1 
ATOM   143 C  CG  . ARG A 1 17 ? 6.667   -4.177  7.552   1.00 13.78 ? 167  ARG A CG  1 
ATOM   144 C  CD  . ARG A 1 17 ? 7.961   -4.717  6.957   1.00 15.46 ? 167  ARG A CD  1 
ATOM   145 N  NE  . ARG A 1 17 ? 7.905   -4.844  5.503   1.00 14.76 ? 167  ARG A NE  1 
ATOM   146 C  CZ  . ARG A 1 17 ? 8.731   -4.230  4.663   1.00 15.93 ? 167  ARG A CZ  1 
ATOM   147 N  NH1 . ARG A 1 17 ? 9.683   -3.427  5.122   1.00 14.48 ? 167  ARG A NH1 1 
ATOM   148 N  NH2 . ARG A 1 17 ? 8.601   -4.414  3.359   1.00 15.85 ? 167  ARG A NH2 1 
ATOM   149 N  N   . PHE A 1 18 ? 4.459   -0.447  6.266   1.00 13.51 ? 168  PHE A N   1 
ATOM   150 C  CA  . PHE A 1 18 ? 4.214   0.850   5.644   1.00 13.57 ? 168  PHE A CA  1 
ATOM   151 C  C   . PHE A 1 18 ? 3.517   1.798   6.615   1.00 14.50 ? 168  PHE A C   1 
ATOM   152 O  O   . PHE A 1 18 ? 3.948   2.939   6.795   1.00 15.31 ? 168  PHE A O   1 
ATOM   153 C  CB  . PHE A 1 18 ? 3.350   0.647   4.398   1.00 12.14 ? 168  PHE A CB  1 
ATOM   154 C  CG  . PHE A 1 18 ? 3.178   1.878   3.557   1.00 12.42 ? 168  PHE A CG  1 
ATOM   155 C  CD1 . PHE A 1 18 ? 2.130   2.762   3.800   1.00 12.95 ? 168  PHE A CD1 1 
ATOM   156 C  CD2 . PHE A 1 18 ? 4.021   2.119   2.478   1.00 12.93 ? 168  PHE A CD2 1 
ATOM   157 C  CE1 . PHE A 1 18 ? 1.920   3.866   2.975   1.00 13.37 ? 168  PHE A CE1 1 
ATOM   158 C  CE2 . PHE A 1 18 ? 3.821   3.218   1.650   1.00 12.70 ? 168  PHE A CE2 1 
ATOM   159 C  CZ  . PHE A 1 18 ? 2.767   4.093   1.898   1.00 12.32 ? 168  PHE A CZ  1 
ATOM   160 N  N   . TYR A 1 19 ? 2.446   1.319   7.242   1.00 14.29 ? 169  TYR A N   1 
ATOM   161 C  CA  . TYR A 1 19 ? 1.686   2.126   8.195   1.00 17.50 ? 169  TYR A CA  1 
ATOM   162 C  C   . TYR A 1 19 ? 2.411   2.409   9.500   1.00 16.74 ? 169  TYR A C   1 
ATOM   163 O  O   . TYR A 1 19 ? 2.111   3.384   10.185  1.00 17.31 ? 169  TYR A O   1 
ATOM   164 C  CB  . TYR A 1 19 ? 0.317   1.504   8.463   1.00 19.50 ? 169  TYR A CB  1 
ATOM   165 C  CG  . TYR A 1 19 ? -0.758  2.127   7.617   1.00 24.71 ? 169  TYR A CG  1 
ATOM   166 C  CD1 . TYR A 1 19 ? -0.988  1.693   6.313   1.00 26.54 ? 169  TYR A CD1 1 
ATOM   167 C  CD2 . TYR A 1 19 ? -1.515  3.190   8.104   1.00 29.22 ? 169  TYR A CD2 1 
ATOM   168 C  CE1 . TYR A 1 19 ? -1.946  2.309   5.510   1.00 31.38 ? 169  TYR A CE1 1 
ATOM   169 C  CE2 . TYR A 1 19 ? -2.475  3.810   7.314   1.00 32.18 ? 169  TYR A CE2 1 
ATOM   170 C  CZ  . TYR A 1 19 ? -2.686  3.367   6.020   1.00 33.14 ? 169  TYR A CZ  1 
ATOM   171 O  OH  . TYR A 1 19 ? -3.638  3.986   5.241   1.00 38.62 ? 169  TYR A OH  1 
ATOM   172 N  N   . LYS A 1 20 ? 3.365   1.552   9.839   1.00 18.09 ? 170  LYS A N   1 
ATOM   173 C  CA  . LYS A 1 20 ? 4.154   1.733   11.047  1.00 19.24 ? 170  LYS A CA  1 
ATOM   174 C  C   . LYS A 1 20 ? 5.003   2.984   10.812  1.00 19.06 ? 170  LYS A C   1 
ATOM   175 O  O   . LYS A 1 20 ? 5.093   3.851   11.674  1.00 18.62 ? 170  LYS A O   1 
ATOM   176 C  CB  . LYS A 1 20 ? 5.032   0.502   11.274  1.00 21.47 ? 170  LYS A CB  1 
ATOM   177 C  CG  . LYS A 1 20 ? 5.809   0.477   12.570  1.00 24.27 ? 170  LYS A CG  1 
ATOM   178 C  CD  . LYS A 1 20 ? 6.606   -0.815  12.656  1.00 28.25 ? 170  LYS A CD  1 
ATOM   179 C  CE  . LYS A 1 20 ? 7.628   -0.776  13.781  1.00 33.51 ? 170  LYS A CE  1 
ATOM   180 N  NZ  . LYS A 1 20 ? 8.525   -1.972  13.771  1.00 36.47 ? 170  LYS A NZ  1 
ATOM   181 N  N   . THR A 1 21 ? 5.565   3.098   9.609   1.00 17.19 ? 171  THR A N   1 
ATOM   182 C  CA  . THR A 1 21 ? 6.376   4.255   9.239   1.00 17.79 ? 171  THR A CA  1 
ATOM   183 C  C   . THR A 1 21 ? 5.487   5.492   9.104   1.00 18.09 ? 171  THR A C   1 
ATOM   184 O  O   . THR A 1 21 ? 5.894   6.606   9.442   1.00 18.81 ? 171  THR A O   1 
ATOM   185 C  CB  . THR A 1 21 ? 7.127   4.006   7.909   1.00 18.09 ? 171  THR A CB  1 
ATOM   186 O  OG1 . THR A 1 21 ? 8.075   2.952   8.094   1.00 19.60 ? 171  THR A OG1 1 
ATOM   187 C  CG2 . THR A 1 21 ? 7.872   5.259   7.449   1.00 19.92 ? 171  THR A CG2 1 
ATOM   188 N  N   . LEU A 1 22 ? 4.264   5.285   8.629   1.00 18.22 ? 172  LEU A N   1 
ATOM   189 C  CA  . LEU A 1 22 ? 3.321   6.376   8.455   1.00 19.39 ? 172  LEU A CA  1 
ATOM   190 C  C   . LEU A 1 22 ? 2.867   6.930   9.810   1.00 20.30 ? 172  LEU A C   1 
ATOM   191 O  O   . LEU A 1 22 ? 2.723   8.143   9.969   1.00 18.88 ? 172  LEU A O   1 
ATOM   192 C  CB  . LEU A 1 22 ? 2.126   5.901   7.623   1.00 22.45 ? 172  LEU A CB  1 
ATOM   193 C  CG  . LEU A 1 22 ? 1.212   6.953   6.994   1.00 24.91 ? 172  LEU A CG  1 
ATOM   194 C  CD1 . LEU A 1 22 ? 2.036   7.994   6.243   1.00 27.47 ? 172  LEU A CD1 1 
ATOM   195 C  CD2 . LEU A 1 22 ? 0.240   6.269   6.050   1.00 24.64 ? 172  LEU A CD2 1 
ATOM   196 N  N   . ARG A 1 23 ? 2.681   6.046   10.791  1.00 19.95 ? 173  ARG A N   1 
ATOM   197 C  CA  . ARG A 1 23 ? 2.262   6.461   12.132  1.00 21.05 ? 173  ARG A CA  1 
ATOM   198 C  C   . ARG A 1 23 ? 3.280   7.359   12.819  1.00 22.39 ? 173  ARG A C   1 
ATOM   199 O  O   . ARG A 1 23 ? 2.910   8.248   13.589  1.00 23.74 ? 173  ARG A O   1 
ATOM   200 C  CB  . ARG A 1 23 ? 2.004   5.251   13.028  1.00 22.58 ? 173  ARG A CB  1 
ATOM   201 C  CG  . ARG A 1 23 ? 0.567   4.782   13.032  1.00 26.30 ? 173  ARG A CG  1 
ATOM   202 C  CD  . ARG A 1 23 ? 0.303   3.817   14.180  1.00 24.43 ? 173  ARG A CD  1 
ATOM   203 N  NE  . ARG A 1 23 ? 1.118   2.610   14.088  1.00 23.96 ? 173  ARG A NE  1 
ATOM   204 C  CZ  . ARG A 1 23 ? 0.843   1.570   13.305  1.00 23.32 ? 173  ARG A CZ  1 
ATOM   205 N  NH1 . ARG A 1 23 ? -0.237  1.567   12.532  1.00 22.16 ? 173  ARG A NH1 1 
ATOM   206 N  NH2 . ARG A 1 23 ? 1.664   0.533   13.287  1.00 25.21 ? 173  ARG A NH2 1 
ATOM   207 N  N   . ALA A 1 24 ? 4.560   7.113   12.549  1.00 22.48 ? 174  ALA A N   1 
ATOM   208 C  CA  . ALA A 1 24 ? 5.647   7.886   13.140  1.00 24.01 ? 174  ALA A CA  1 
ATOM   209 C  C   . ALA A 1 24 ? 5.577   9.365   12.779  1.00 26.01 ? 174  ALA A C   1 
ATOM   210 O  O   . ALA A 1 24 ? 6.187   10.201  13.445  1.00 28.50 ? 174  ALA A O   1 
ATOM   211 C  CB  . ALA A 1 24 ? 6.987   7.308   12.720  1.00 22.70 ? 174  ALA A CB  1 
ATOM   212 N  N   . GLU A 1 25 ? 4.834   9.684   11.723  1.00 26.88 ? 175  GLU A N   1 
ATOM   213 C  CA  . GLU A 1 25 ? 4.684   11.062  11.273  1.00 27.42 ? 175  GLU A CA  1 
ATOM   214 C  C   . GLU A 1 25 ? 3.326   11.646  11.651  1.00 28.42 ? 175  GLU A C   1 
ATOM   215 O  O   . GLU A 1 25 ? 3.014   12.777  11.278  1.00 28.81 ? 175  GLU A O   1 
ATOM   216 C  CB  . GLU A 1 25 ? 4.869   11.143  9.755   1.00 28.40 ? 175  GLU A CB  1 
ATOM   217 C  CG  . GLU A 1 25 ? 6.189   10.563  9.245   1.00 29.60 ? 175  GLU A CG  1 
ATOM   218 C  CD  . GLU A 1 25 ? 7.411   11.278  9.798   1.00 30.43 ? 175  GLU A CD  1 
ATOM   219 O  OE1 . GLU A 1 25 ? 7.366   12.515  9.952   1.00 31.07 ? 175  GLU A OE1 1 
ATOM   220 O  OE2 . GLU A 1 25 ? 8.425   10.602  10.069  1.00 31.11 ? 175  GLU A OE2 1 
ATOM   221 N  N   . GLN A 1 26 ? 2.530   10.877  12.395  1.00 28.06 ? 176  GLN A N   1 
ATOM   222 C  CA  . GLN A 1 26 ? 1.192   11.298  12.821  1.00 30.02 ? 176  GLN A CA  1 
ATOM   223 C  C   . GLN A 1 26 ? 0.415   11.895  11.655  1.00 29.96 ? 176  GLN A C   1 
ATOM   224 O  O   . GLN A 1 26 ? -0.173  12.973  11.764  1.00 31.12 ? 176  GLN A O   1 
ATOM   225 C  CB  . GLN A 1 26 ? 1.259   12.303  13.979  1.00 32.57 ? 176  GLN A CB  1 
ATOM   226 C  CG  . GLN A 1 26 ? 1.760   11.728  15.294  1.00 37.21 ? 176  GLN A CG  1 
ATOM   227 C  CD  . GLN A 1 26 ? 3.263   11.562  15.321  1.00 41.10 ? 176  GLN A CD  1 
ATOM   228 O  OE1 . GLN A 1 26 ? 4.008   12.503  15.031  1.00 40.39 ? 176  GLN A OE1 1 
ATOM   229 N  NE2 . GLN A 1 26 ? 3.723   10.362  15.667  1.00 42.54 ? 176  GLN A NE2 1 
ATOM   230 N  N   . ALA A 1 27 ? 0.440   11.189  10.530  1.00 29.23 ? 177  ALA A N   1 
ATOM   231 C  CA  . ALA A 1 27 ? -0.248  11.626  9.326   1.00 27.71 ? 177  ALA A CA  1 
ATOM   232 C  C   . ALA A 1 27 ? -1.753  11.718  9.543   1.00 27.26 ? 177  ALA A C   1 
ATOM   233 O  O   . ALA A 1 27 ? -2.349  10.883  10.226  1.00 28.56 ? 177  ALA A O   1 
ATOM   234 C  CB  . ALA A 1 27 ? 0.061   10.676  8.179   1.00 27.54 ? 177  ALA A CB  1 
ATOM   235 N  N   . SER A 1 28 ? -2.356  12.758  8.982   1.00 26.47 ? 178  SER A N   1 
ATOM   236 C  CA  . SER A 1 28 ? -3.796  12.965  9.080   1.00 26.14 ? 178  SER A CA  1 
ATOM   237 C  C   . SER A 1 28 ? -4.490  11.990  8.134   1.00 25.34 ? 178  SER A C   1 
ATOM   238 O  O   . SER A 1 28 ? -3.829  11.251  7.407   1.00 25.46 ? 178  SER A O   1 
ATOM   239 C  CB  . SER A 1 28 ? -4.139  14.396  8.673   1.00 27.21 ? 178  SER A CB  1 
ATOM   240 O  OG  . SER A 1 28 ? -3.789  14.620  7.318   1.00 28.73 ? 178  SER A OG  1 
ATOM   241 N  N   . GLN A 1 29 ? -5.819  12.007  8.120   1.00 25.33 ? 179  GLN A N   1 
ATOM   242 C  CA  . GLN A 1 29 ? -6.572  11.119  7.241   1.00 26.54 ? 179  GLN A CA  1 
ATOM   243 C  C   . GLN A 1 29 ? -6.250  11.401  5.774   1.00 26.22 ? 179  GLN A C   1 
ATOM   244 O  O   . GLN A 1 29 ? -6.001  10.476  4.998   1.00 25.82 ? 179  GLN A O   1 
ATOM   245 C  CB  . GLN A 1 29 ? -8.079  11.253  7.486   1.00 27.45 ? 179  GLN A CB  1 
ATOM   246 C  CG  . GLN A 1 29 ? -8.924  10.291  6.660   1.00 30.82 ? 179  GLN A CG  1 
ATOM   247 C  CD  . GLN A 1 29 ? -8.507  8.840   6.844   1.00 32.89 ? 179  GLN A CD  1 
ATOM   248 O  OE1 . GLN A 1 29 ? -8.638  8.279   7.931   1.00 35.57 ? 179  GLN A OE1 1 
ATOM   249 N  NE2 . GLN A 1 29 ? -7.991  8.231   5.781   1.00 33.41 ? 179  GLN A NE2 1 
ATOM   250 N  N   . GLU A 1 30 ? -6.247  12.681  5.407   1.00 25.12 ? 180  GLU A N   1 
ATOM   251 C  CA  . GLU A 1 30 ? -5.946  13.091  4.040   1.00 23.89 ? 180  GLU A CA  1 
ATOM   252 C  C   . GLU A 1 30 ? -4.562  12.635  3.601   1.00 21.11 ? 180  GLU A C   1 
ATOM   253 O  O   . GLU A 1 30 ? -4.392  12.171  2.474   1.00 21.41 ? 180  GLU A O   1 
ATOM   254 C  CB  . GLU A 1 30 ? -6.067  14.609  3.886   1.00 25.74 ? 180  GLU A CB  1 
ATOM   255 C  CG  . GLU A 1 30 ? -7.483  15.104  3.633   1.00 28.45 ? 180  GLU A CG  1 
ATOM   256 C  CD  . GLU A 1 30 ? -8.051  14.598  2.319   1.00 30.92 ? 180  GLU A CD  1 
ATOM   257 O  OE1 . GLU A 1 30 ? -7.636  15.101  1.254   1.00 30.77 ? 180  GLU A OE1 1 
ATOM   258 O  OE2 . GLU A 1 30 ? -8.911  13.694  2.352   1.00 33.92 ? 180  GLU A OE2 1 
ATOM   259 N  N   . VAL A 1 31 ? -3.576  12.767  4.486   1.00 18.60 ? 181  VAL A N   1 
ATOM   260 C  CA  . VAL A 1 31 ? -2.213  12.345  4.170   1.00 16.77 ? 181  VAL A CA  1 
ATOM   261 C  C   . VAL A 1 31 ? -2.162  10.833  3.971   1.00 15.69 ? 181  VAL A C   1 
ATOM   262 O  O   . VAL A 1 31 ? -1.492  10.341  3.062   1.00 14.15 ? 181  VAL A O   1 
ATOM   263 C  CB  . VAL A 1 31 ? -1.209  12.781  5.263   1.00 17.20 ? 181  VAL A CB  1 
ATOM   264 C  CG1 . VAL A 1 31 ? 0.161   12.167  5.001   1.00 16.13 ? 181  VAL A CG1 1 
ATOM   265 C  CG2 . VAL A 1 31 ? -1.096  14.301  5.285   1.00 16.46 ? 181  VAL A CG2 1 
ATOM   266 N  N   . LYS A 1 32 ? -2.892  10.099  4.804   1.00 16.09 ? 182  LYS A N   1 
ATOM   267 C  CA  . LYS A 1 32 ? -2.939  8.647   4.684   1.00 18.00 ? 182  LYS A CA  1 
ATOM   268 C  C   . LYS A 1 32 ? -3.522  8.256   3.328   1.00 17.05 ? 182  LYS A C   1 
ATOM   269 O  O   . LYS A 1 32 ? -3.012  7.346   2.674   1.00 17.50 ? 182  LYS A O   1 
ATOM   270 C  CB  . LYS A 1 32 ? -3.790  8.037   5.791   1.00 21.64 ? 182  LYS A CB  1 
ATOM   271 C  CG  . LYS A 1 32 ? -3.199  8.163   7.174   1.00 26.20 ? 182  LYS A CG  1 
ATOM   272 C  CD  . LYS A 1 32 ? -4.158  7.568   8.173   1.00 30.03 ? 182  LYS A CD  1 
ATOM   273 C  CE  . LYS A 1 32 ? -3.688  7.770   9.582   1.00 32.54 ? 182  LYS A CE  1 
ATOM   274 N  NZ  . LYS A 1 32 ? -4.750  7.299   10.498  1.00 35.96 ? 182  LYS A NZ  1 
ATOM   275 N  N   . ASN A 1 33 ? -4.586  8.946   2.916   1.00 15.76 ? 183  ASN A N   1 
ATOM   276 C  CA  . ASN A 1 33 ? -5.226  8.682   1.626   1.00 14.77 ? 183  ASN A CA  1 
ATOM   277 C  C   . ASN A 1 33 ? -4.256  8.919   0.482   1.00 13.22 ? 183  ASN A C   1 
ATOM   278 O  O   . ASN A 1 33 ? -4.159  8.097   -0.422  1.00 12.70 ? 183  ASN A O   1 
ATOM   279 C  CB  . ASN A 1 33 ? -6.470  9.555   1.433   1.00 17.37 ? 183  ASN A CB  1 
ATOM   280 C  CG  . ASN A 1 33 ? -7.629  9.120   2.303   1.00 19.82 ? 183  ASN A CG  1 
ATOM   281 O  OD1 . ASN A 1 33 ? -7.604  8.042   2.900   1.00 21.79 ? 183  ASN A OD1 1 
ATOM   282 N  ND2 . ASN A 1 33 ? -8.660  9.956   2.374   1.00 21.82 ? 183  ASN A ND2 1 
ATOM   283 N  N   . TRP A 1 34 ? -3.530  10.034  0.536   1.00 12.62 ? 184  TRP A N   1 
ATOM   284 C  CA  . TRP A 1 34 ? -2.550  10.366  -0.494  1.00 13.10 ? 184  TRP A CA  1 
ATOM   285 C  C   . TRP A 1 34 ? -1.454  9.309   -0.548  1.00 13.00 ? 184  TRP A C   1 
ATOM   286 O  O   . TRP A 1 34 ? -1.057  8.876   -1.629  1.00 13.80 ? 184  TRP A O   1 
ATOM   287 C  CB  . TRP A 1 34 ? -1.915  11.733  -0.225  1.00 14.02 ? 184  TRP A CB  1 
ATOM   288 C  CG  . TRP A 1 34 ? -2.850  12.884  -0.349  1.00 13.76 ? 184  TRP A CG  1 
ATOM   289 C  CD1 . TRP A 1 34 ? -3.964  12.956  -1.129  1.00 16.29 ? 184  TRP A CD1 1 
ATOM   290 C  CD2 . TRP A 1 34 ? -2.755  14.136  0.338   1.00 13.62 ? 184  TRP A CD2 1 
ATOM   291 N  NE1 . TRP A 1 34 ? -4.576  14.176  -0.967  1.00 16.57 ? 184  TRP A NE1 1 
ATOM   292 C  CE2 . TRP A 1 34 ? -3.854  14.920  -0.073  1.00 14.79 ? 184  TRP A CE2 1 
ATOM   293 C  CE3 . TRP A 1 34 ? -1.848  14.670  1.262   1.00 15.00 ? 184  TRP A CE3 1 
ATOM   294 C  CZ2 . TRP A 1 34 ? -4.073  16.214  0.407   1.00 14.50 ? 184  TRP A CZ2 1 
ATOM   295 C  CZ3 . TRP A 1 34 ? -2.065  15.955  1.742   1.00 16.52 ? 184  TRP A CZ3 1 
ATOM   296 C  CH2 . TRP A 1 34 ? -3.173  16.713  1.311   1.00 15.43 ? 184  TRP A CH2 1 
HETATM 297 N  N   . MSE A 1 35 ? -0.965  8.901   0.620   1.00 11.90 ? 185  MSE A N   1 
HETATM 298 C  CA  . MSE A 1 35 ? 0.090   7.895   0.696   1.00 13.97 ? 185  MSE A CA  1 
HETATM 299 C  C   . MSE A 1 35 ? -0.375  6.528   0.187   1.00 13.93 ? 185  MSE A C   1 
HETATM 300 O  O   . MSE A 1 35 ? 0.391   5.802   -0.456  1.00 14.45 ? 185  MSE A O   1 
HETATM 301 C  CB  . MSE A 1 35 ? 0.612   7.793   2.130   1.00 16.20 ? 185  MSE A CB  1 
HETATM 302 C  CG  . MSE A 1 35 ? 1.426   9.010   2.570   1.00 19.32 ? 185  MSE A CG  1 
HETATM 303 SE SE  . MSE A 1 35 ? 2.952   9.217   1.615   1.00 26.24 ? 185  MSE A SE  1 
HETATM 304 C  CE  . MSE A 1 35 ? 3.876   7.795   2.242   1.00 27.06 ? 185  MSE A CE  1 
ATOM   305 N  N   . THR A 1 36 ? -1.641  6.201   0.446   1.00 15.55 ? 186  THR A N   1 
ATOM   306 C  CA  . THR A 1 36 ? -2.239  4.933   0.017   1.00 15.76 ? 186  THR A CA  1 
ATOM   307 C  C   . THR A 1 36 ? -2.395  4.870   -1.515  1.00 16.57 ? 186  THR A C   1 
ATOM   308 O  O   . THR A 1 36 ? -2.175  3.814   -2.121  1.00 16.24 ? 186  THR A O   1 
ATOM   309 C  CB  . THR A 1 36 ? -3.611  4.722   0.703   1.00 15.03 ? 186  THR A CB  1 
ATOM   310 O  OG1 . THR A 1 36 ? -3.426  4.688   2.124   1.00 17.64 ? 186  THR A OG1 1 
ATOM   311 C  CG2 . THR A 1 36 ? -4.265  3.418   0.255   1.00 16.57 ? 186  THR A CG2 1 
ATOM   312 N  N   . GLU A 1 37 ? -2.772  6.001   -2.121  1.00 17.15 ? 187  GLU A N   1 
ATOM   313 C  CA  . GLU A 1 37 ? -2.956  6.117   -3.575  1.00 19.70 ? 187  GLU A CA  1 
ATOM   314 C  C   . GLU A 1 37 ? -1.631  6.112   -4.321  1.00 18.61 ? 187  GLU A C   1 
ATOM   315 O  O   . GLU A 1 37 ? -1.564  5.658   -5.461  1.00 22.06 ? 187  GLU A O   1 
ATOM   316 C  CB  . GLU A 1 37 ? -3.643  7.436   -3.953  1.00 22.78 ? 187  GLU A CB  1 
ATOM   317 C  CG  . GLU A 1 37 ? -4.950  7.763   -3.265  1.00 32.63 ? 187  GLU A CG  1 
ATOM   318 C  CD  . GLU A 1 37 ? -5.473  9.144   -3.639  1.00 36.18 ? 187  GLU A CD  1 
ATOM   319 O  OE1 . GLU A 1 37 ? -4.771  10.143  -3.360  1.00 38.51 ? 187  GLU A OE1 1 
ATOM   320 O  OE2 . GLU A 1 37 ? -6.585  9.229   -4.206  1.00 39.37 ? 187  GLU A OE2 1 
ATOM   321 N  N   . THR A 1 38 ? -0.600  6.682   -3.701  1.00 15.74 ? 188  THR A N   1 
ATOM   322 C  CA  . THR A 1 38 ? 0.713   6.790   -4.326  1.00 17.24 ? 188  THR A CA  1 
ATOM   323 C  C   . THR A 1 38 ? 1.756   5.763   -3.907  1.00 17.41 ? 188  THR A C   1 
ATOM   324 O  O   . THR A 1 38 ? 1.868   4.698   -4.515  1.00 18.17 ? 188  THR A O   1 
ATOM   325 C  CB  . THR A 1 38 ? 1.305   8.205   -4.125  1.00 17.93 ? 188  THR A CB  1 
ATOM   326 O  OG1 . THR A 1 38 ? 1.418   8.486   -2.723  1.00 17.34 ? 188  THR A OG1 1 
ATOM   327 C  CG2 . THR A 1 38 ? 0.410   9.249   -4.774  1.00 20.73 ? 188  THR A CG2 1 
ATOM   328 N  N   . LEU A 1 39 ? 2.513   6.089   -2.861  1.00 16.74 ? 189  LEU A N   1 
ATOM   329 C  CA  . LEU A 1 39 ? 3.583   5.234   -2.373  1.00 16.48 ? 189  LEU A CA  1 
ATOM   330 C  C   . LEU A 1 39 ? 3.248   3.783   -2.049  1.00 16.57 ? 189  LEU A C   1 
ATOM   331 O  O   . LEU A 1 39 ? 4.045   2.896   -2.350  1.00 17.08 ? 189  LEU A O   1 
ATOM   332 C  CB  . LEU A 1 39 ? 4.310   5.901   -1.205  1.00 17.33 ? 189  LEU A CB  1 
ATOM   333 C  CG  . LEU A 1 39 ? 5.184   7.090   -1.619  1.00 19.91 ? 189  LEU A CG  1 
ATOM   334 C  CD1 . LEU A 1 39 ? 5.950   7.625   -0.431  1.00 20.68 ? 189  LEU A CD1 1 
ATOM   335 C  CD2 . LEU A 1 39 ? 6.162   6.659   -2.700  1.00 21.69 ? 189  LEU A CD2 1 
ATOM   336 N  N   . LEU A 1 40 ? 2.086   3.521   -1.453  1.00 14.50 ? 190  LEU A N   1 
ATOM   337 C  CA  . LEU A 1 40 ? 1.736   2.136   -1.129  1.00 13.80 ? 190  LEU A CA  1 
ATOM   338 C  C   . LEU A 1 40 ? 1.660   1.303   -2.405  1.00 12.88 ? 190  LEU A C   1 
ATOM   339 O  O   . LEU A 1 40 ? 2.090   0.153   -2.433  1.00 13.57 ? 190  LEU A O   1 
ATOM   340 C  CB  . LEU A 1 40 ? 0.409   2.049   -0.371  1.00 12.31 ? 190  LEU A CB  1 
ATOM   341 C  CG  . LEU A 1 40 ? 0.032   0.627   0.075   1.00 13.96 ? 190  LEU A CG  1 
ATOM   342 C  CD1 . LEU A 1 40 ? 0.996   0.149   1.157   1.00 10.69 ? 190  LEU A CD1 1 
ATOM   343 C  CD2 . LEU A 1 40 ? -1.396  0.595   0.593   1.00 13.74 ? 190  LEU A CD2 1 
ATOM   344 N  N   . VAL A 1 41 ? 1.115   1.901   -3.460  1.00 14.32 ? 191  VAL A N   1 
ATOM   345 C  CA  . VAL A 1 41 ? 0.987   1.233   -4.750  1.00 15.94 ? 191  VAL A CA  1 
ATOM   346 C  C   . VAL A 1 41 ? 2.340   1.178   -5.464  1.00 17.45 ? 191  VAL A C   1 
ATOM   347 O  O   . VAL A 1 41 ? 2.765   0.119   -5.929  1.00 17.31 ? 191  VAL A O   1 
ATOM   348 C  CB  . VAL A 1 41 ? -0.053  1.954   -5.652  1.00 14.52 ? 191  VAL A CB  1 
ATOM   349 C  CG1 . VAL A 1 41 ? -0.079  1.338   -7.044  1.00 16.03 ? 191  VAL A CG1 1 
ATOM   350 C  CG2 . VAL A 1 41 ? -1.435  1.871   -5.025  1.00 12.15 ? 191  VAL A CG2 1 
ATOM   351 N  N   . GLN A 1 42 ? 3.026   2.318   -5.505  1.00 18.93 ? 192  GLN A N   1 
ATOM   352 C  CA  . GLN A 1 42 ? 4.325   2.436   -6.166  1.00 20.68 ? 192  GLN A CA  1 
ATOM   353 C  C   . GLN A 1 42 ? 5.442   1.610   -5.536  1.00 19.53 ? 192  GLN A C   1 
ATOM   354 O  O   . GLN A 1 42 ? 6.404   1.252   -6.213  1.00 20.37 ? 192  GLN A O   1 
ATOM   355 C  CB  . GLN A 1 42 ? 4.738   3.906   -6.234  1.00 24.30 ? 192  GLN A CB  1 
ATOM   356 C  CG  . GLN A 1 42 ? 3.769   4.771   -7.025  1.00 31.13 ? 192  GLN A CG  1 
ATOM   357 C  CD  . GLN A 1 42 ? 4.049   6.256   -6.882  1.00 34.16 ? 192  GLN A CD  1 
ATOM   358 O  OE1 . GLN A 1 42 ? 5.204   6.684   -6.790  1.00 36.09 ? 192  GLN A OE1 1 
ATOM   359 N  NE2 . GLN A 1 42 ? 2.985   7.051   -6.858  1.00 35.17 ? 192  GLN A NE2 1 
ATOM   360 N  N   . ASN A 1 43 ? 5.329   1.326   -4.243  1.00 18.18 ? 193  ASN A N   1 
ATOM   361 C  CA  . ASN A 1 43 ? 6.345   0.543   -3.549  1.00 15.97 ? 193  ASN A CA  1 
ATOM   362 C  C   . ASN A 1 43 ? 5.983   -0.935  -3.427  1.00 16.56 ? 193  ASN A C   1 
ATOM   363 O  O   . ASN A 1 43 ? 6.692   -1.699  -2.776  1.00 14.79 ? 193  ASN A O   1 
ATOM   364 C  CB  . ASN A 1 43 ? 6.630   1.133   -2.168  1.00 15.75 ? 193  ASN A CB  1 
ATOM   365 C  CG  . ASN A 1 43 ? 7.394   2.442   -2.237  1.00 16.38 ? 193  ASN A CG  1 
ATOM   366 O  OD1 . ASN A 1 43 ? 7.509   3.054   -3.301  1.00 16.52 ? 193  ASN A OD1 1 
ATOM   367 N  ND2 . ASN A 1 43 ? 7.936   2.869   -1.104  1.00 15.95 ? 193  ASN A ND2 1 
ATOM   368 N  N   . ALA A 1 44 ? 4.871   -1.328  -4.043  1.00 16.07 ? 194  ALA A N   1 
ATOM   369 C  CA  . ALA A 1 44 ? 4.420   -2.718  -4.023  1.00 16.92 ? 194  ALA A CA  1 
ATOM   370 C  C   . ALA A 1 44 ? 5.271   -3.547  -4.995  1.00 18.37 ? 194  ALA A C   1 
ATOM   371 O  O   . ALA A 1 44 ? 5.877   -2.997  -5.919  1.00 17.63 ? 194  ALA A O   1 
ATOM   372 C  CB  . ALA A 1 44 ? 2.950   -2.792  -4.405  1.00 13.98 ? 194  ALA A CB  1 
ATOM   373 N  N   . ASN A 1 45 ? 5.329   -4.861  -4.787  1.00 18.93 ? 195  ASN A N   1 
ATOM   374 C  CA  . ASN A 1 45 ? 6.131   -5.714  -5.662  1.00 19.84 ? 195  ASN A CA  1 
ATOM   375 C  C   . ASN A 1 45 ? 5.532   -5.817  -7.071  1.00 22.01 ? 195  ASN A C   1 
ATOM   376 O  O   . ASN A 1 45 ? 4.391   -5.418  -7.291  1.00 20.95 ? 195  ASN A O   1 
ATOM   377 C  CB  . ASN A 1 45 ? 6.392   -7.093  -5.019  1.00 17.93 ? 195  ASN A CB  1 
ATOM   378 C  CG  . ASN A 1 45 ? 5.131   -7.904  -4.792  1.00 16.61 ? 195  ASN A CG  1 
ATOM   379 O  OD1 . ASN A 1 45 ? 4.114   -7.711  -5.453  1.00 20.76 ? 195  ASN A OD1 1 
ATOM   380 N  ND2 . ASN A 1 45 ? 5.207   -8.842  -3.863  1.00 17.86 ? 195  ASN A ND2 1 
ATOM   381 N  N   . PRO A 1 46 ? 6.313   -6.309  -8.050  1.00 24.87 ? 196  PRO A N   1 
ATOM   382 C  CA  . PRO A 1 46 ? 5.867   -6.457  -9.442  1.00 26.26 ? 196  PRO A CA  1 
ATOM   383 C  C   . PRO A 1 46 ? 4.476   -7.064  -9.634  1.00 27.28 ? 196  PRO A C   1 
ATOM   384 O  O   . PRO A 1 46 ? 3.644   -6.500  -10.345 1.00 28.19 ? 196  PRO A O   1 
ATOM   385 C  CB  . PRO A 1 46 ? 6.954   -7.341  -10.043 1.00 26.56 ? 196  PRO A CB  1 
ATOM   386 C  CG  . PRO A 1 46 ? 8.169   -6.853  -9.347  1.00 25.02 ? 196  PRO A CG  1 
ATOM   387 C  CD  . PRO A 1 46 ? 7.708   -6.768  -7.909  1.00 24.81 ? 196  PRO A CD  1 
ATOM   388 N  N   . ASP A 1 47 ? 4.229   -8.204  -8.997  1.00 28.53 ? 197  ASP A N   1 
ATOM   389 C  CA  . ASP A 1 47 ? 2.941   -8.881  -9.103  1.00 29.38 ? 197  ASP A CA  1 
ATOM   390 C  C   . ASP A 1 47 ? 1.772   -8.026  -8.630  1.00 28.53 ? 197  ASP A C   1 
ATOM   391 O  O   . ASP A 1 47 ? 0.844   -7.751  -9.392  1.00 29.43 ? 197  ASP A O   1 
ATOM   392 C  CB  . ASP A 1 47 ? 2.959   -10.189 -8.310  1.00 32.68 ? 197  ASP A CB  1 
ATOM   393 C  CG  . ASP A 1 47 ? 3.861   -11.234 -8.930  1.00 36.01 ? 197  ASP A CG  1 
ATOM   394 O  OD1 . ASP A 1 47 ? 4.032   -11.223 -10.171 1.00 37.27 ? 197  ASP A OD1 1 
ATOM   395 O  OD2 . ASP A 1 47 ? 4.392   -12.077 -8.173  1.00 39.13 ? 197  ASP A OD2 1 
ATOM   396 N  N   . CYS A 1 48 ? 1.838   -7.591  -7.377  1.00 25.72 ? 198  CYS A N   1 
ATOM   397 C  CA  . CYS A 1 48 ? 0.778   -6.782  -6.785  1.00 24.21 ? 198  CYS A CA  1 
ATOM   398 C  C   . CYS A 1 48 ? 0.621   -5.376  -7.373  1.00 22.75 ? 198  CYS A C   1 
ATOM   399 O  O   . CYS A 1 48 ? -0.498  -4.884  -7.518  1.00 22.43 ? 198  CYS A O   1 
ATOM   400 C  CB  . CYS A 1 48 ? 0.964   -6.709  -5.267  1.00 21.40 ? 198  CYS A CB  1 
ATOM   401 S  SG  . CYS A 1 48 ? -0.243  -5.645  -4.416  1.00 23.23 ? 198  CYS A SG  1 
ATOM   402 N  N   . LYS A 1 49 ? 1.733   -4.748  -7.743  1.00 22.97 ? 199  LYS A N   1 
ATOM   403 C  CA  . LYS A 1 49 ? 1.710   -3.395  -8.296  1.00 22.51 ? 199  LYS A CA  1 
ATOM   404 C  C   . LYS A 1 49 ? 0.840   -3.254  -9.544  1.00 23.08 ? 199  LYS A C   1 
ATOM   405 O  O   . LYS A 1 49 ? 0.126   -2.260  -9.696  1.00 22.88 ? 199  LYS A O   1 
ATOM   406 C  CB  . LYS A 1 49 ? 3.133   -2.914  -8.585  1.00 21.78 ? 199  LYS A CB  1 
ATOM   407 C  CG  . LYS A 1 49 ? 3.223   -1.465  -9.004  1.00 21.47 ? 199  LYS A CG  1 
ATOM   408 C  CD  . LYS A 1 49 ? 4.663   -1.019  -9.096  1.00 24.48 ? 199  LYS A CD  1 
ATOM   409 C  CE  . LYS A 1 49 ? 4.739   0.442   -9.474  1.00 26.88 ? 199  LYS A CE  1 
ATOM   410 N  NZ  . LYS A 1 49 ? 6.139   0.942   -9.421  1.00 29.75 ? 199  LYS A NZ  1 
ATOM   411 N  N   . THR A 1 50 ? 0.895   -4.249  -10.425 1.00 23.51 ? 200  THR A N   1 
ATOM   412 C  CA  . THR A 1 50 ? 0.103   -4.233  -11.655 1.00 25.81 ? 200  THR A CA  1 
ATOM   413 C  C   . THR A 1 50 ? -1.387  -4.303  -11.323 1.00 24.75 ? 200  THR A C   1 
ATOM   414 O  O   . THR A 1 50 ? -2.195  -3.537  -11.850 1.00 24.72 ? 200  THR A O   1 
ATOM   415 C  CB  . THR A 1 50 ? 0.467   -5.418  -12.567 1.00 27.33 ? 200  THR A CB  1 
ATOM   416 O  OG1 . THR A 1 50 ? 1.881   -5.418  -12.806 1.00 28.04 ? 200  THR A OG1 1 
ATOM   417 C  CG2 . THR A 1 50 ? -0.269  -5.310  -13.900 1.00 28.16 ? 200  THR A CG2 1 
ATOM   418 N  N   . ILE A 1 51 ? -1.728  -5.219  -10.425 1.00 23.98 ? 201  ILE A N   1 
ATOM   419 C  CA  . ILE A 1 51 ? -3.099  -5.416  -9.979  1.00 22.55 ? 201  ILE A CA  1 
ATOM   420 C  C   . ILE A 1 51 ? -3.664  -4.142  -9.355  1.00 22.09 ? 201  ILE A C   1 
ATOM   421 O  O   . ILE A 1 51 ? -4.782  -3.732  -9.667  1.00 21.81 ? 201  ILE A O   1 
ATOM   422 C  CB  . ILE A 1 51 ? -3.154  -6.560  -8.950  1.00 23.07 ? 201  ILE A CB  1 
ATOM   423 C  CG1 . ILE A 1 51 ? -2.747  -7.873  -9.619  1.00 23.41 ? 201  ILE A CG1 1 
ATOM   424 C  CG2 . ILE A 1 51 ? -4.533  -6.670  -8.334  1.00 22.61 ? 201  ILE A CG2 1 
ATOM   425 C  CD1 . ILE A 1 51 ? -2.654  -9.042  -8.669  1.00 25.93 ? 201  ILE A CD1 1 
ATOM   426 N  N   . LEU A 1 52 ? -2.872  -3.505  -8.498  1.00 21.32 ? 202  LEU A N   1 
ATOM   427 C  CA  . LEU A 1 52 ? -3.293  -2.287  -7.817  1.00 21.25 ? 202  LEU A CA  1 
ATOM   428 C  C   . LEU A 1 52 ? -3.531  -1.098  -8.740  1.00 23.50 ? 202  LEU A C   1 
ATOM   429 O  O   . LEU A 1 52 ? -4.446  -0.307  -8.510  1.00 24.38 ? 202  LEU A O   1 
ATOM   430 C  CB  . LEU A 1 52 ? -2.287  -1.912  -6.730  1.00 19.31 ? 202  LEU A CB  1 
ATOM   431 C  CG  . LEU A 1 52 ? -2.141  -2.940  -5.612  1.00 16.32 ? 202  LEU A CG  1 
ATOM   432 C  CD1 . LEU A 1 52 ? -1.166  -2.422  -4.575  1.00 15.31 ? 202  LEU A CD1 1 
ATOM   433 C  CD2 . LEU A 1 52 ? -3.496  -3.224  -4.989  1.00 17.16 ? 202  LEU A CD2 1 
ATOM   434 N  N   . LYS A 1 53 ? -2.696  -0.952  -9.762  1.00 25.33 ? 203  LYS A N   1 
ATOM   435 C  CA  . LYS A 1 53 ? -2.851  0.145   -10.713 1.00 28.13 ? 203  LYS A CA  1 
ATOM   436 C  C   . LYS A 1 53 ? -4.133  -0.043  -11.523 1.00 30.02 ? 203  LYS A C   1 
ATOM   437 O  O   . LYS A 1 53 ? -4.812  0.929   -11.868 1.00 30.66 ? 203  LYS A O   1 
ATOM   438 C  CB  . LYS A 1 53 ? -1.645  0.222   -11.649 1.00 28.40 ? 203  LYS A CB  1 
ATOM   439 C  CG  . LYS A 1 53 ? -0.379  0.789   -11.011 1.00 27.94 ? 203  LYS A CG  1 
ATOM   440 C  CD  . LYS A 1 53 ? -0.551  2.263   -10.672 0.00 28.06 ? 203  LYS A CD  1 
ATOM   441 C  CE  . LYS A 1 53 ? 0.743   2.874   -10.159 0.00 28.00 ? 203  LYS A CE  1 
ATOM   442 N  NZ  . LYS A 1 53 ? 0.574   4.309   -9.796  0.00 28.04 ? 203  LYS A NZ  1 
ATOM   443 N  N   . ALA A 1 54 ? -4.478  -1.306  -11.773 1.00 30.84 ? 204  ALA A N   1 
ATOM   444 C  CA  . ALA A 1 54 ? -5.669  -1.671  -12.535 1.00 31.07 ? 204  ALA A CA  1 
ATOM   445 C  C   . ALA A 1 54 ? -6.986  -1.502  -11.766 1.00 32.46 ? 204  ALA A C   1 
ATOM   446 O  O   . ALA A 1 54 ? -8.049  -1.902  -12.250 1.00 33.68 ? 204  ALA A O   1 
ATOM   447 C  CB  . ALA A 1 54 ? -5.539  -3.103  -13.046 1.00 30.70 ? 204  ALA A CB  1 
ATOM   448 N  N   . LEU A 1 55 ? -6.913  -0.946  -10.558 1.00 31.38 ? 205  LEU A N   1 
ATOM   449 C  CA  . LEU A 1 55 ? -8.108  -0.724  -9.749  1.00 30.07 ? 205  LEU A CA  1 
ATOM   450 C  C   . LEU A 1 55 ? -8.690  0.658   -10.036 1.00 30.06 ? 205  LEU A C   1 
ATOM   451 O  O   . LEU A 1 55 ? -9.889  0.883   -9.871  1.00 31.24 ? 205  LEU A O   1 
ATOM   452 C  CB  . LEU A 1 55 ? -7.795  -0.859  -8.253  1.00 29.91 ? 205  LEU A CB  1 
ATOM   453 C  CG  . LEU A 1 55 ? -7.456  -2.245  -7.690  1.00 27.95 ? 205  LEU A CG  1 
ATOM   454 C  CD1 . LEU A 1 55 ? -7.109  -2.127  -6.213  1.00 27.73 ? 205  LEU A CD1 1 
ATOM   455 C  CD2 . LEU A 1 55 ? -8.623  -3.198  -7.886  1.00 26.18 ? 205  LEU A CD2 1 
ATOM   456 N  N   . GLY A 1 56 ? -7.837  1.575   -10.487 1.00 28.82 ? 206  GLY A N   1 
ATOM   457 C  CA  . GLY A 1 56 ? -8.287  2.923   -10.789 1.00 26.90 ? 206  GLY A CA  1 
ATOM   458 C  C   . GLY A 1 56 ? -8.307  3.805   -9.557  1.00 27.00 ? 206  GLY A C   1 
ATOM   459 O  O   . GLY A 1 56 ? -8.042  3.329   -8.453  1.00 27.32 ? 206  GLY A O   1 
ATOM   460 N  N   . PRO A 1 57 ? -8.611  5.103   -9.710  1.00 27.00 ? 207  PRO A N   1 
ATOM   461 C  CA  . PRO A 1 57 ? -8.656  6.036   -8.577  1.00 26.75 ? 207  PRO A CA  1 
ATOM   462 C  C   . PRO A 1 57 ? -9.745  5.769   -7.534  1.00 25.01 ? 207  PRO A C   1 
ATOM   463 O  O   . PRO A 1 57 ? -10.783 5.171   -7.828  1.00 24.67 ? 207  PRO A O   1 
ATOM   464 C  CB  . PRO A 1 57 ? -8.845  7.396   -9.260  1.00 27.70 ? 207  PRO A CB  1 
ATOM   465 C  CG  . PRO A 1 57 ? -9.578  7.049   -10.521 1.00 27.32 ? 207  PRO A CG  1 
ATOM   466 C  CD  . PRO A 1 57 ? -8.848  5.811   -10.981 1.00 28.17 ? 207  PRO A CD  1 
ATOM   467 N  N   . GLY A 1 58 ? -9.473  6.195   -6.305  1.00 23.60 ? 208  GLY A N   1 
ATOM   468 C  CA  . GLY A 1 58 ? -10.427 6.028   -5.226  1.00 22.39 ? 208  GLY A CA  1 
ATOM   469 C  C   . GLY A 1 58 ? -10.517 4.645   -4.610  1.00 21.37 ? 208  GLY A C   1 
ATOM   470 O  O   . GLY A 1 58 ? -11.354 4.430   -3.733  1.00 22.27 ? 208  GLY A O   1 
ATOM   471 N  N   . ALA A 1 59 ? -9.689  3.706   -5.065  1.00 20.71 ? 209  ALA A N   1 
ATOM   472 C  CA  . ALA A 1 59 ? -9.701  2.351   -4.506  1.00 19.17 ? 209  ALA A CA  1 
ATOM   473 C  C   . ALA A 1 59 ? -9.253  2.417   -3.048  1.00 18.52 ? 209  ALA A C   1 
ATOM   474 O  O   . ALA A 1 59 ? -8.243  3.051   -2.730  1.00 18.84 ? 209  ALA A O   1 
ATOM   475 C  CB  . ALA A 1 59 ? -8.779  1.439   -5.300  1.00 18.69 ? 209  ALA A CB  1 
ATOM   476 N  N   . THR A 1 60 ? -10.021 1.790   -2.163  1.00 15.99 ? 210  THR A N   1 
ATOM   477 C  CA  . THR A 1 60 ? -9.696  1.804   -0.743  1.00 16.19 ? 210  THR A CA  1 
ATOM   478 C  C   . THR A 1 60 ? -8.598  0.810   -0.397  1.00 15.24 ? 210  THR A C   1 
ATOM   479 O  O   . THR A 1 60 ? -8.305  -0.098  -1.174  1.00 14.97 ? 210  THR A O   1 
ATOM   480 C  CB  . THR A 1 60 ? -10.926 1.475   0.127   1.00 16.78 ? 210  THR A CB  1 
ATOM   481 O  OG1 . THR A 1 60 ? -11.313 0.110   -0.080  1.00 17.67 ? 210  THR A OG1 1 
ATOM   482 C  CG2 . THR A 1 60 ? -12.089 2.391   -0.224  1.00 18.07 ? 210  THR A CG2 1 
ATOM   483 N  N   . LEU A 1 61 ? -7.995  0.999   0.775   1.00 13.73 ? 211  LEU A N   1 
ATOM   484 C  CA  . LEU A 1 61 ? -6.949  0.111   1.264   1.00 12.88 ? 211  LEU A CA  1 
ATOM   485 C  C   . LEU A 1 61 ? -7.510  -1.308  1.326   1.00 15.07 ? 211  LEU A C   1 
ATOM   486 O  O   . LEU A 1 61 ? -6.813  -2.269  1.006   1.00 15.69 ? 211  LEU A O   1 
ATOM   487 C  CB  . LEU A 1 61 ? -6.505  0.544   2.660   1.00 11.67 ? 211  LEU A CB  1 
ATOM   488 C  CG  . LEU A 1 61 ? -5.518  -0.374  3.375   1.00 11.35 ? 211  LEU A CG  1 
ATOM   489 C  CD1 . LEU A 1 61 ? -4.236  -0.486  2.571   1.00 11.67 ? 211  LEU A CD1 1 
ATOM   490 C  CD2 . LEU A 1 61 ? -5.233  0.173   4.762   1.00 12.84 ? 211  LEU A CD2 1 
ATOM   491 N  N   . GLU A 1 62 ? -8.777  -1.423  1.720   1.00 14.89 ? 212  GLU A N   1 
ATOM   492 C  CA  . GLU A 1 62 ? -9.451  -2.714  1.824   1.00 16.56 ? 212  GLU A CA  1 
ATOM   493 C  C   . GLU A 1 62 ? -9.526  -3.409  0.465   1.00 16.12 ? 212  GLU A C   1 
ATOM   494 O  O   . GLU A 1 62 ? -9.233  -4.601  0.353   1.00 14.41 ? 212  GLU A O   1 
ATOM   495 C  CB  . GLU A 1 62 ? -10.856 -2.538  2.419   1.00 19.36 ? 212  GLU A CB  1 
ATOM   496 C  CG  . GLU A 1 62 ? -10.879 -2.161  3.908   1.00 24.84 ? 212  GLU A CG  1 
ATOM   497 C  CD  . GLU A 1 62 ? -10.260 -0.794  4.214   1.00 29.36 ? 212  GLU A CD  1 
ATOM   498 O  OE1 . GLU A 1 62 ? -10.539 0.184   3.484   1.00 27.99 ? 212  GLU A OE1 1 
ATOM   499 O  OE2 . GLU A 1 62 ? -9.491  -0.700  5.198   1.00 31.94 ? 212  GLU A OE2 1 
ATOM   500 N  N   . GLU A 1 63 ? -9.894  -2.651  -0.568  1.00 14.31 ? 213  GLU A N   1 
ATOM   501 C  CA  . GLU A 1 63 ? -9.984  -3.192  -1.924  1.00 15.24 ? 213  GLU A CA  1 
ATOM   502 C  C   . GLU A 1 63 ? -8.594  -3.593  -2.420  1.00 14.13 ? 213  GLU A C   1 
ATOM   503 O  O   . GLU A 1 63 ? -8.449  -4.583  -3.140  1.00 12.96 ? 213  GLU A O   1 
ATOM   504 C  CB  . GLU A 1 63 ? -10.642 -2.178  -2.869  1.00 17.00 ? 213  GLU A CB  1 
ATOM   505 C  CG  . GLU A 1 63 ? -12.114 -1.917  -2.538  1.00 19.68 ? 213  GLU A CG  1 
ATOM   506 C  CD  . GLU A 1 63 ? -12.729 -0.792  -3.358  1.00 21.17 ? 213  GLU A CD  1 
ATOM   507 O  OE1 . GLU A 1 63 ? -12.158 0.315   -3.395  1.00 20.24 ? 213  GLU A OE1 1 
ATOM   508 O  OE2 . GLU A 1 63 ? -13.802 -1.009  -3.958  1.00 25.47 ? 213  GLU A OE2 1 
HETATM 509 N  N   . MSE A 1 64 ? -7.575  -2.843  -1.995  1.00 13.37 ? 214  MSE A N   1 
HETATM 510 C  CA  . MSE A 1 64 ? -6.191  -3.134  -2.363  1.00 12.33 ? 214  MSE A CA  1 
HETATM 511 C  C   . MSE A 1 64 ? -5.764  -4.430  -1.679  1.00 11.56 ? 214  MSE A C   1 
HETATM 512 O  O   . MSE A 1 64 ? -5.185  -5.307  -2.315  1.00 12.28 ? 214  MSE A O   1 
HETATM 513 C  CB  . MSE A 1 64 ? -5.253  -1.997  -1.940  1.00 11.82 ? 214  MSE A CB  1 
HETATM 514 C  CG  . MSE A 1 64 ? -5.503  -0.666  -2.647  1.00 14.91 ? 214  MSE A CG  1 
HETATM 515 SE SE  . MSE A 1 64 ? -4.166  0.537   -2.382  1.00 17.52 ? 214  MSE A SE  1 
HETATM 516 C  CE  . MSE A 1 64 ? -4.752  1.898   -3.392  1.00 16.42 ? 214  MSE A CE  1 
HETATM 517 N  N   . MSE A 1 65 ? -6.067  -4.555  -0.388  1.00 10.35 ? 215  MSE A N   1 
HETATM 518 C  CA  . MSE A 1 65 ? -5.719  -5.760  0.362   1.00 11.55 ? 215  MSE A CA  1 
HETATM 519 C  C   . MSE A 1 65 ? -6.444  -6.985  -0.194  1.00 11.81 ? 215  MSE A C   1 
HETATM 520 O  O   . MSE A 1 65 ? -5.868  -8.067  -0.282  1.00 12.78 ? 215  MSE A O   1 
HETATM 521 C  CB  . MSE A 1 65 ? -6.016  -5.585  1.858   1.00 11.17 ? 215  MSE A CB  1 
HETATM 522 C  CG  . MSE A 1 65 ? -5.096  -4.589  2.562   1.00 13.26 ? 215  MSE A CG  1 
HETATM 523 SE SE  . MSE A 1 65 ? -5.350  -4.488  4.363   1.00 20.46 ? 215  MSE A SE  1 
HETATM 524 C  CE  . MSE A 1 65 ? -6.906  -3.646  4.435   1.00 15.69 ? 215  MSE A CE  1 
ATOM   525 N  N   . THR A 1 66 ? -7.698  -6.805  -0.600  1.00 11.79 ? 216  THR A N   1 
ATOM   526 C  CA  . THR A 1 66 ? -8.476  -7.901  -1.168  1.00 13.57 ? 216  THR A CA  1 
ATOM   527 C  C   . THR A 1 66 ? -7.860  -8.326  -2.500  1.00 14.27 ? 216  THR A C   1 
ATOM   528 O  O   . THR A 1 66 ? -7.717  -9.518  -2.778  1.00 14.93 ? 216  THR A O   1 
ATOM   529 C  CB  . THR A 1 66 ? -9.946  -7.487  -1.402  1.00 13.53 ? 216  THR A CB  1 
ATOM   530 O  OG1 . THR A 1 66 ? -10.545 -7.130  -0.150  1.00 12.21 ? 216  THR A OG1 1 
ATOM   531 C  CG2 . THR A 1 66 ? -10.738 -8.634  -2.031  1.00 14.56 ? 216  THR A CG2 1 
ATOM   532 N  N   . ALA A 1 67 ? -7.459  -7.338  -3.295  1.00 14.20 ? 217  ALA A N   1 
ATOM   533 C  CA  . ALA A 1 67 ? -6.862  -7.582  -4.602  1.00 14.19 ? 217  ALA A CA  1 
ATOM   534 C  C   . ALA A 1 67 ? -5.537  -8.342  -4.551  1.00 13.96 ? 217  ALA A C   1 
ATOM   535 O  O   . ALA A 1 67 ? -5.303  -9.231  -5.365  1.00 13.90 ? 217  ALA A O   1 
ATOM   536 C  CB  . ALA A 1 67 ? -6.686  -6.261  -5.344  1.00 13.87 ? 217  ALA A CB  1 
ATOM   537 N  N   . CYS A 1 68 ? -4.690  -8.021  -3.575  1.00 14.68 ? 218  CYS A N   1 
ATOM   538 C  CA  . CYS A 1 68 ? -3.383  -8.666  -3.449  1.00 15.55 ? 218  CYS A CA  1 
ATOM   539 C  C   . CYS A 1 68 ? -3.245  -9.679  -2.319  1.00 16.84 ? 218  CYS A C   1 
ATOM   540 O  O   . CYS A 1 68 ? -2.125  -10.012 -1.929  1.00 17.92 ? 218  CYS A O   1 
ATOM   541 C  CB  . CYS A 1 68 ? -2.288  -7.608  -3.299  1.00 16.55 ? 218  CYS A CB  1 
ATOM   542 S  SG  . CYS A 1 68 ? -2.034  -6.553  -4.757  1.00 18.79 ? 218  CYS A SG  1 
ATOM   543 N  N   . GLN A 1 69 ? -4.364  -10.196 -1.817  1.00 17.89 ? 219  GLN A N   1 
ATOM   544 C  CA  . GLN A 1 69 ? -4.321  -11.162 -0.720  1.00 18.32 ? 219  GLN A CA  1 
ATOM   545 C  C   . GLN A 1 69 ? -3.605  -12.462 -1.099  1.00 20.96 ? 219  GLN A C   1 
ATOM   546 O  O   . GLN A 1 69 ? -3.626  -12.882 -2.256  1.00 18.54 ? 219  GLN A O   1 
ATOM   547 C  CB  . GLN A 1 69 ? -5.732  -11.467 -0.217  1.00 17.21 ? 219  GLN A CB  1 
ATOM   548 C  CG  . GLN A 1 69 ? -6.571  -12.302 -1.167  1.00 18.39 ? 219  GLN A CG  1 
ATOM   549 C  CD  . GLN A 1 69 ? -7.984  -12.493 -0.672  1.00 14.75 ? 219  GLN A CD  1 
ATOM   550 O  OE1 . GLN A 1 69 ? -8.246  -13.328 0.192   1.00 14.70 ? 219  GLN A OE1 1 
ATOM   551 N  NE2 . GLN A 1 69 ? -8.904  -11.710 -1.210  1.00 14.97 ? 219  GLN A NE2 1 
ATOM   552 N  N   . GLY A 1 70 ? -2.960  -13.081 -0.113  1.00 25.08 ? 220  GLY A N   1 
ATOM   553 C  CA  . GLY A 1 70 ? -2.243  -14.324 -0.352  1.00 31.02 ? 220  GLY A CA  1 
ATOM   554 C  C   . GLY A 1 70 ? -1.079  -14.565 0.601   1.00 34.02 ? 220  GLY A C   1 
ATOM   555 O  O   . GLY A 1 70 ? -0.897  -13.774 1.553   1.00 37.36 ? 220  GLY A O   1 
ATOM   556 O  OXT . GLY A 1 70 ? -0.344  -15.556 0.403   1.00 35.95 ? 220  GLY A OXT 1 
HETATM 557 O  O   . HOH B 2 .  ? -13.055 -5.664  -3.324  1.00 17.71 ? 1000 HOH A O   1 
HETATM 558 O  O   . HOH B 2 .  ? 13.694  1.903   -0.101  1.00 14.76 ? 1001 HOH A O   1 
HETATM 559 O  O   . HOH B 2 .  ? -3.790  -8.236  1.710   1.00 12.50 ? 1002 HOH A O   1 
HETATM 560 O  O   . HOH B 2 .  ? -14.318 -3.678  -4.789  1.00 20.01 ? 1003 HOH A O   1 
HETATM 561 O  O   . HOH B 2 .  ? -1.781  -10.124 2.136   1.00 11.86 ? 1004 HOH A O   1 
HETATM 562 O  O   . HOH B 2 .  ? -13.658 -1.152  1.008   1.00 41.17 ? 1005 HOH A O   1 
HETATM 563 O  O   . HOH B 2 .  ? 7.949   -0.970  -6.893  1.00 44.74 ? 1006 HOH A O   1 
HETATM 564 O  O   . HOH B 2 .  ? 10.086  -10.628 -8.633  1.00 25.06 ? 1007 HOH A O   1 
HETATM 565 O  O   . HOH B 2 .  ? 5.432   4.009   14.416  1.00 32.20 ? 1008 HOH A O   1 
HETATM 566 O  O   . HOH B 2 .  ? -11.842 -3.837  -6.274  1.00 22.01 ? 1009 HOH A O   1 
HETATM 567 O  O   . HOH B 2 .  ? -10.565 -5.746  -4.477  1.00 13.97 ? 1010 HOH A O   1 
HETATM 568 O  O   . HOH B 2 .  ? -11.367 -3.838  -11.267 1.00 29.20 ? 1011 HOH A O   1 
HETATM 569 O  O   . HOH B 2 .  ? -13.561 -7.963  0.382   1.00 16.18 ? 1012 HOH A O   1 
HETATM 570 O  O   . HOH B 2 .  ? -4.336  -12.037 -5.009  1.00 37.24 ? 1013 HOH A O   1 
HETATM 571 O  O   . HOH B 2 .  ? -0.463  -11.111 -0.202  1.00 18.21 ? 1014 HOH A O   1 
HETATM 572 O  O   . HOH B 2 .  ? -12.861 -5.174  -0.585  1.00 26.66 ? 1015 HOH A O   1 
HETATM 573 O  O   . HOH B 2 .  ? -5.670  -8.575  6.211   1.00 28.81 ? 1016 HOH A O   1 
HETATM 574 O  O   . HOH B 2 .  ? -11.597 -6.384  2.427   1.00 22.52 ? 1017 HOH A O   1 
HETATM 575 O  O   . HOH B 2 .  ? 14.175  -8.351  -2.813  1.00 19.50 ? 1018 HOH A O   1 
HETATM 576 O  O   . HOH B 2 .  ? 7.105   -8.533  6.469   1.00 23.90 ? 1019 HOH A O   1 
HETATM 577 O  O   . HOH B 2 .  ? 4.502   -6.488  8.938   1.00 22.27 ? 1020 HOH A O   1 
HETATM 578 O  O   . HOH B 2 .  ? -0.506  15.045  8.655   1.00 26.18 ? 1021 HOH A O   1 
HETATM 579 O  O   . HOH B 2 .  ? 8.576   7.841   9.351   1.00 18.71 ? 1022 HOH A O   1 
HETATM 580 O  O   . HOH B 2 .  ? -13.247 5.143   -6.334  1.00 28.32 ? 1023 HOH A O   1 
HETATM 581 O  O   . HOH B 2 .  ? 4.703   -4.315  11.014  1.00 23.96 ? 1024 HOH A O   1 
HETATM 582 O  O   . HOH B 2 .  ? 6.846   -8.041  9.423   1.00 32.78 ? 1025 HOH A O   1 
HETATM 583 O  O   . HOH B 2 .  ? 6.483   -11.243 5.860   1.00 30.03 ? 1026 HOH A O   1 
HETATM 584 O  O   . HOH B 2 .  ? 12.483  -0.824  4.670   1.00 35.54 ? 1027 HOH A O   1 
HETATM 585 O  O   . HOH B 2 .  ? 10.050  -11.195 -0.282  1.00 24.52 ? 1028 HOH A O   1 
HETATM 586 O  O   . HOH B 2 .  ? -12.341 -5.100  -8.885  1.00 27.80 ? 1029 HOH A O   1 
HETATM 587 O  O   . HOH B 2 .  ? 10.962  -3.518  8.033   1.00 29.16 ? 1030 HOH A O   1 
HETATM 588 O  O   . HOH B 2 .  ? 1.102   11.161  -1.290  1.00 84.05 ? 1031 HOH A O   1 
HETATM 589 O  O   . HOH B 2 .  ? 9.160   14.640  9.473   1.00 34.06 ? 1032 HOH A O   1 
HETATM 590 O  O   . HOH B 2 .  ? -0.604  8.221   10.911  1.00 39.61 ? 1033 HOH A O   1 
HETATM 591 O  O   . HOH B 2 .  ? -8.647  3.556   2.127   1.00 26.02 ? 1034 HOH A O   1 
HETATM 592 O  O   . HOH B 2 .  ? 11.333  5.448   5.650   1.00 24.30 ? 1035 HOH A O   1 
HETATM 593 O  O   . HOH B 2 .  ? 9.129   5.435   -1.724  1.00 43.03 ? 1036 HOH A O   1 
HETATM 594 O  O   . HOH B 2 .  ? 10.497  7.771   7.258   1.00 31.89 ? 1037 HOH A O   1 
HETATM 595 O  O   . HOH B 2 .  ? 3.273   -1.093  14.876  1.00 33.77 ? 1038 HOH A O   1 
HETATM 596 O  O   . HOH B 2 .  ? -3.618  -10.590 8.427   1.00 27.15 ? 1039 HOH A O   1 
HETATM 597 O  O   . HOH B 2 .  ? -0.036  -8.942  -11.848 1.00 28.18 ? 1040 HOH A O   1 
HETATM 598 O  O   . HOH B 2 .  ? -6.568  4.935   -3.730  1.00 37.83 ? 1041 HOH A O   1 
HETATM 599 O  O   . HOH B 2 .  ? 0.861   -9.287  -2.853  1.00 45.45 ? 1042 HOH A O   1 
HETATM 600 O  O   . HOH B 2 .  ? 6.415   -10.057 -6.908  1.00 40.84 ? 1043 HOH A O   1 
HETATM 601 O  O   . HOH B 2 .  ? 12.915  -1.328  7.624   1.00 28.47 ? 1044 HOH A O   1 
HETATM 602 O  O   . HOH B 2 .  ? 8.135   0.572   9.381   1.00 33.21 ? 1045 HOH A O   1 
HETATM 603 O  O   . HOH B 2 .  ? 1.784   -13.451 -1.315  1.00 43.49 ? 1046 HOH A O   1 
HETATM 604 O  O   . HOH B 2 .  ? 8.224   -12.409 3.469   1.00 45.27 ? 1047 HOH A O   1 
HETATM 605 O  O   . HOH B 2 .  ? -5.064  -3.679  12.197  1.00 40.65 ? 1048 HOH A O   1 
HETATM 606 O  O   . HOH B 2 .  ? -6.440  5.217   6.021   1.00 37.13 ? 1049 HOH A O   1 
HETATM 607 O  O   . HOH B 2 .  ? 5.226   3.736   -9.765  1.00 51.22 ? 1050 HOH A O   1 
HETATM 608 O  O   . HOH B 2 .  ? -6.685  -9.610  -7.918  1.00 35.22 ? 1051 HOH A O   1 
HETATM 609 O  O   . HOH B 2 .  ? -6.380  5.053   3.129   1.00 26.01 ? 1052 HOH A O   1 
HETATM 610 O  O   . HOH B 2 .  ? -13.921 -2.324  3.812   1.00 42.96 ? 1053 HOH A O   1 
HETATM 611 O  O   . HOH B 2 .  ? 10.891  3.012   7.220   1.00 42.18 ? 1054 HOH A O   1 
HETATM 612 O  O   . HOH B 2 .  ? 6.946   0.683   -12.270 1.00 52.25 ? 1055 HOH A O   1 
HETATM 613 O  O   . HOH B 2 .  ? -0.751  -15.207 -3.043  1.00 32.67 ? 1056 HOH A O   1 
HETATM 614 O  O   . HOH B 2 .  ? 8.034   5.075   -5.284  1.00 57.03 ? 1057 HOH A O   1 
HETATM 615 O  O   . HOH B 2 .  ? 0.211   -12.695 -3.734  1.00 39.61 ? 1058 HOH A O   1 
HETATM 616 O  O   . HOH B 2 .  ? -9.807  13.930  5.942   1.00 46.26 ? 1059 HOH A O   1 
HETATM 617 O  O   . HOH B 2 .  ? 2.099   -8.192  9.671   1.00 42.89 ? 1060 HOH A O   1 
HETATM 618 O  O   . HOH B 2 .  ? -7.312  -4.840  -10.616 1.00 37.51 ? 1061 HOH A O   1 
HETATM 619 O  O   . HOH B 2 .  ? -7.350  2.522   -13.982 1.00 43.89 ? 1062 HOH A O   1 
HETATM 620 O  O   . HOH B 2 .  ? 7.888   -4.213  11.393  1.00 33.80 ? 1063 HOH A O   1 
HETATM 621 O  O   . HOH B 2 .  ? -0.629  -10.592 -5.722  1.00 39.36 ? 1064 HOH A O   1 
HETATM 622 O  O   . HOH B 2 .  ? -7.462  10.871  -1.618  1.00 39.23 ? 1065 HOH A O   1 
HETATM 623 O  O   . HOH B 2 .  ? 5.848   6.552   -10.572 1.00 56.18 ? 1066 HOH A O   1 
HETATM 624 O  O   . HOH B 2 .  ? -1.971  -2.085  -14.182 1.00 40.41 ? 1067 HOH A O   1 
HETATM 625 O  O   . HOH B 2 .  ? 13.150  -10.518 -0.481  1.00 54.62 ? 1068 HOH A O   1 
HETATM 626 O  O   . HOH B 2 .  ? 3.268   -13.775 7.718   1.00 42.89 ? 1069 HOH A O   1 
HETATM 627 O  O   . HOH B 2 .  ? -1.456  -6.656  12.825  1.00 60.41 ? 1070 HOH A O   1 
HETATM 628 O  O   . HOH B 2 .  ? 5.342   -3.209  15.146  1.00 59.49 ? 1071 HOH A O   1 
HETATM 629 O  O   . HOH B 2 .  ? 2.782   -8.278  -13.094 1.00 44.77 ? 1072 HOH A O   1 
HETATM 630 O  O   . HOH B 2 .  ? 8.789   -2.125  9.710   1.00 53.80 ? 1073 HOH A O   1 
HETATM 631 O  O   . HOH B 2 .  ? -16.367 -0.117  -2.348  1.00 40.69 ? 1074 HOH A O   1 
HETATM 632 O  O   . HOH B 2 .  ? 7.482   13.793  12.761  1.00 56.42 ? 1075 HOH A O   1 
HETATM 633 O  O   . HOH B 2 .  ? -5.540  3.101   -6.958  1.00 37.89 ? 1076 HOH A O   1 
HETATM 634 O  O   . HOH B 2 .  ? -1.689  -8.725  10.230  1.00 51.16 ? 1077 HOH A O   1 
HETATM 635 O  O   . HOH B 2 .  ? -1.165  15.715  11.510  1.00 66.90 ? 1078 HOH A O   1 
HETATM 636 O  O   . HOH B 2 .  ? -10.017 15.273  -0.782  1.00 49.19 ? 1079 HOH A O   1 
HETATM 637 O  O   . HOH B 2 .  ? -6.807  -13.889 -4.332  1.00 50.08 ? 1080 HOH A O   1 
HETATM 638 O  O   . HOH B 2 .  ? -2.564  -8.405  -13.598 1.00 48.81 ? 1081 HOH A O   1 
HETATM 639 O  O   . HOH B 2 .  ? 8.566   2.773   14.351  1.00 48.03 ? 1082 HOH A O   1 
HETATM 640 O  O   . HOH B 2 .  ? -13.711 5.976   -2.906  1.00 36.56 ? 1083 HOH A O   1 
HETATM 641 O  O   . HOH B 2 .  ? 11.410  6.279   -5.155  1.00 56.49 ? 1084 HOH A O   1 
HETATM 642 O  O   . HOH B 2 .  ? 5.944   -15.104 -9.140  1.00 44.02 ? 1085 HOH A O   1 
HETATM 643 O  O   . HOH B 2 .  ? -7.977  -7.305  -9.060  1.00 39.42 ? 1086 HOH A O   1 
HETATM 644 O  O   . HOH B 2 .  ? 10.420  7.797   -0.672  1.00 47.11 ? 1087 HOH A O   1 
# 
